data_8ZIL
#
_entry.id   8ZIL
#
_cell.length_a   85.842
_cell.length_b   101.768
_cell.length_c   127.985
_cell.angle_alpha   90.000
_cell.angle_beta   90.000
_cell.angle_gamma   90.000
#
_symmetry.space_group_name_H-M   'P 21 21 21'
#
loop_
_entity.id
_entity.type
_entity.pdbx_description
1 polymer 'PLP dependent gamma-lyase CndF'
2 non-polymer 'PHOSPHATE ION'
3 non-polymer 'ethyl 3-oxobutanoate'
4 water water
#
_entity_poly.entity_id   1
_entity_poly.type   'polypeptide(L)'
_entity_poly.pdbx_seq_one_letter_code
;GSMRDPNFQNIDKVALLGAQPLGSSHPPGDPHAVSFSLPTWASVAGNMAGEAWVRGKKKTTYPRMGFCPIVGGLTEAALI
RVKRPTGVKARIFISREAASRLEHTVKVKDPAAKVSVVQFELRQSNSPDLSNWARFVLVLFPESFEEDAFTFWLNHGDGI
SNRHAEFCNNLLDFMDSRCDEDEPDYQTCGPRSGDKPAGLPTWTNSGLEEKMVIKSVLAKCIRSENADMLPVQSDDVFLY
STGMMAIGKIARAMKDMPGDDTAVIFGWLYSGTLPLVKDSGYSKPILYGRGTEEELDKLESYLAAGGKCTVLFTEITSNP
QLHSPNLVRIKNLADEYGFTVVVDDTIGTSVNLDILPYADVVTTSLTKIFNGACNAMGGSLIVNPNSRHYRRIHTYLQGH
FEDLLFPADAVVLSENCIDYPERVKRCSATARAIAHFLAAHPSIDYVNYPTLVPSREEYERYRRDGEGYGYLLSIVFREP
DFAVRFFDALDIWKGPSIGTNSSIALPYSVLAHWEEQDWAAEYGVPKHIVRLSVGLESEAWLRDRVTEALAKATPATLCR
TTFCKSER
;
_entity_poly.pdbx_strand_id   A,B
#
# COMPACT_ATOMS: atom_id res chain seq x y z
N PHE A 67 1.89 -14.26 3.01
CA PHE A 67 1.00 -13.11 3.12
C PHE A 67 1.79 -11.83 3.36
N CYS A 68 2.99 -11.98 3.91
CA CYS A 68 3.71 -10.83 4.40
C CYS A 68 5.00 -10.59 3.61
N PRO A 69 5.36 -9.33 3.31
CA PRO A 69 4.91 -7.98 3.72
C PRO A 69 3.43 -7.68 3.45
N ILE A 70 2.74 -7.08 4.43
CA ILE A 70 1.34 -6.70 4.29
C ILE A 70 1.25 -5.18 4.24
N VAL A 71 0.32 -4.66 3.43
CA VAL A 71 0.03 -3.24 3.35
C VAL A 71 -1.36 -3.00 3.90
N GLY A 72 -1.55 -1.83 4.50
CA GLY A 72 -2.76 -1.57 5.26
C GLY A 72 -2.72 -2.30 6.59
N GLY A 73 -3.91 -2.54 7.14
CA GLY A 73 -4.02 -3.31 8.37
C GLY A 73 -3.94 -2.50 9.65
N LEU A 74 -3.89 -1.17 9.58
CA LEU A 74 -3.88 -0.37 10.79
C LEU A 74 -5.15 -0.56 11.61
N THR A 75 -6.31 -0.66 10.94
CA THR A 75 -7.55 -0.83 11.68
C THR A 75 -7.64 -2.24 12.26
N GLU A 76 -7.15 -3.23 11.52
CA GLU A 76 -7.11 -4.59 12.06
C GLU A 76 -6.15 -4.67 13.24
N ALA A 77 -5.00 -4.00 13.14
CA ALA A 77 -4.04 -4.02 14.23
C ALA A 77 -4.54 -3.25 15.44
N ALA A 78 -5.20 -2.11 15.21
CA ALA A 78 -5.73 -1.33 16.33
C ALA A 78 -6.90 -2.04 17.00
N LEU A 79 -7.75 -2.70 16.21
CA LEU A 79 -8.85 -3.46 16.79
C LEU A 79 -8.35 -4.62 17.64
N ILE A 80 -7.20 -5.22 17.26
CA ILE A 80 -6.62 -6.28 18.07
C ILE A 80 -6.10 -5.71 19.39
N ARG A 81 -5.53 -4.54 19.35
CA ARG A 81 -4.99 -3.98 20.55
C ARG A 81 -6.02 -3.65 21.59
N VAL A 82 -7.26 -3.47 21.18
CA VAL A 82 -8.35 -3.15 22.10
C VAL A 82 -9.30 -4.33 22.28
N LYS A 83 -8.89 -5.53 21.87
CA LYS A 83 -9.64 -6.77 22.13
C LYS A 83 -11.04 -6.71 21.52
N ARG A 84 -11.15 -6.10 20.33
CA ARG A 84 -12.42 -6.04 19.60
C ARG A 84 -12.22 -6.35 18.12
N PRO A 85 -11.76 -7.57 17.79
CA PRO A 85 -11.64 -7.94 16.36
C PRO A 85 -12.98 -8.13 15.69
N THR A 86 -14.03 -8.26 16.49
CA THR A 86 -15.38 -8.60 16.09
C THR A 86 -16.39 -7.69 16.77
N GLY A 87 -17.60 -7.69 16.22
CA GLY A 87 -18.77 -7.10 16.85
C GLY A 87 -18.90 -5.61 16.63
N VAL A 88 -17.85 -4.98 16.10
CA VAL A 88 -17.87 -3.55 15.85
C VAL A 88 -17.18 -3.18 14.57
N LYS A 89 -17.57 -2.05 14.03
CA LYS A 89 -16.92 -1.47 12.87
C LYS A 89 -16.05 -0.30 13.34
N ALA A 90 -15.05 0.04 12.53
CA ALA A 90 -14.05 1.01 12.96
C ALA A 90 -13.74 2.00 11.86
N ARG A 91 -13.36 3.21 12.27
CA ARG A 91 -12.85 4.25 11.38
C ARG A 91 -11.74 4.98 12.10
N ILE A 92 -10.77 5.47 11.32
CA ILE A 92 -9.57 6.10 11.87
C ILE A 92 -9.51 7.54 11.39
N PHE A 93 -9.37 8.47 12.34
CA PHE A 93 -9.24 9.88 12.04
C PHE A 93 -7.97 10.41 12.67
N ILE A 94 -7.49 11.53 12.13
CA ILE A 94 -6.42 12.29 12.76
C ILE A 94 -6.99 13.35 13.68
N SER A 95 -8.11 13.94 13.28
CA SER A 95 -8.82 14.93 14.08
C SER A 95 -9.77 14.25 15.05
N ARG A 96 -9.65 14.58 16.34
CA ARG A 96 -10.70 14.20 17.28
C ARG A 96 -11.98 14.99 17.02
N GLU A 97 -11.86 16.20 16.46
CA GLU A 97 -13.04 16.96 16.08
C GLU A 97 -13.88 16.17 15.07
N ALA A 98 -13.23 15.67 14.01
CA ALA A 98 -13.94 14.90 13.01
C ALA A 98 -14.42 13.56 13.56
N ALA A 99 -13.61 12.94 14.42
CA ALA A 99 -14.03 11.68 15.04
C ALA A 99 -15.26 11.87 15.89
N SER A 100 -15.31 12.95 16.67
CA SER A 100 -16.49 13.23 17.49
C SER A 100 -17.73 13.46 16.64
N ARG A 101 -17.56 13.98 15.43
CA ARG A 101 -18.70 14.20 14.55
C ARG A 101 -19.31 12.87 14.11
N LEU A 102 -18.46 11.88 13.81
CA LEU A 102 -18.96 10.55 13.50
C LEU A 102 -19.72 9.96 14.69
N GLU A 103 -19.19 10.14 15.90
CA GLU A 103 -19.88 9.65 17.09
C GLU A 103 -21.27 10.28 17.21
N HIS A 104 -21.38 11.59 16.98
CA HIS A 104 -22.68 12.26 17.05
C HIS A 104 -23.63 11.73 15.98
N THR A 105 -23.13 11.49 14.77
CA THR A 105 -23.99 11.03 13.68
C THR A 105 -24.66 9.70 14.03
N VAL A 106 -23.92 8.80 14.68
CA VAL A 106 -24.52 7.53 15.09
C VAL A 106 -25.42 7.72 16.31
N LYS A 107 -25.02 8.59 17.24
CA LYS A 107 -25.80 8.80 18.45
C LYS A 107 -27.13 9.49 18.16
N VAL A 108 -27.18 10.32 17.11
CA VAL A 108 -28.42 11.02 16.77
C VAL A 108 -29.33 10.17 15.89
N LYS A 109 -28.83 9.06 15.37
CA LYS A 109 -29.66 8.08 14.67
C LYS A 109 -30.09 6.94 15.56
N ASP A 110 -29.33 6.64 16.62
CA ASP A 110 -29.72 5.64 17.61
C ASP A 110 -29.03 5.97 18.92
N PRO A 111 -29.73 6.56 19.89
CA PRO A 111 -29.15 6.74 21.22
C PRO A 111 -28.92 5.39 21.87
N ALA A 112 -28.17 5.41 22.97
CA ALA A 112 -27.78 4.21 23.72
C ALA A 112 -26.93 3.25 22.90
N ALA A 113 -26.51 3.65 21.70
CA ALA A 113 -25.62 2.83 20.89
C ALA A 113 -24.21 2.99 21.43
N LYS A 114 -23.51 1.88 21.63
CA LYS A 114 -22.17 1.94 22.17
C LYS A 114 -21.21 2.48 21.11
N VAL A 115 -20.76 3.72 21.31
CA VAL A 115 -19.79 4.37 20.44
C VAL A 115 -18.63 4.83 21.31
N SER A 116 -17.46 4.27 21.07
CA SER A 116 -16.28 4.65 21.83
C SER A 116 -15.26 5.30 20.91
N VAL A 117 -14.49 6.22 21.48
CA VAL A 117 -13.52 7.03 20.75
C VAL A 117 -12.19 6.83 21.47
N VAL A 118 -11.29 6.07 20.87
CA VAL A 118 -10.02 5.69 21.49
C VAL A 118 -8.90 6.49 20.84
N GLN A 119 -8.10 7.14 21.69
CA GLN A 119 -6.97 7.95 21.24
C GLN A 119 -5.69 7.14 21.34
N PHE A 120 -5.03 6.93 20.20
CA PHE A 120 -3.71 6.31 20.14
C PHE A 120 -2.65 7.39 20.03
N GLU A 121 -1.60 7.26 20.83
CA GLU A 121 -0.52 8.24 20.86
C GLU A 121 0.81 7.54 21.09
N LEU A 122 1.85 8.02 20.40
CA LEU A 122 3.23 7.68 20.75
C LEU A 122 3.63 8.70 21.80
N ARG A 123 3.59 8.29 23.07
CA ARG A 123 3.47 9.24 24.17
C ARG A 123 4.81 9.80 24.66
N GLN A 124 5.85 8.99 24.74
CA GLN A 124 7.10 9.47 25.33
C GLN A 124 8.21 9.29 24.32
N SER A 125 8.41 10.34 23.52
CA SER A 125 9.53 10.46 22.62
C SER A 125 10.03 11.89 22.68
N ASN A 126 11.34 12.05 22.53
CA ASN A 126 11.95 13.36 22.38
C ASN A 126 12.07 13.80 20.92
N SER A 127 11.61 12.98 19.98
CA SER A 127 11.55 13.39 18.58
C SER A 127 10.24 14.12 18.35
N PRO A 128 10.28 15.41 17.99
CA PRO A 128 9.02 16.14 17.74
C PRO A 128 8.25 15.64 16.53
N ASP A 129 8.93 15.18 15.49
CA ASP A 129 8.23 14.68 14.31
C ASP A 129 7.36 13.47 14.64
N LEU A 130 7.91 12.52 15.41
CA LEU A 130 7.20 11.28 15.67
C LEU A 130 5.98 11.52 16.56
N SER A 131 6.15 12.23 17.68
CA SER A 131 5.08 12.33 18.66
C SER A 131 3.99 13.30 18.23
N ASN A 132 4.24 14.14 17.23
CA ASN A 132 3.21 15.00 16.68
C ASN A 132 2.44 14.34 15.55
N TRP A 133 3.02 13.32 14.91
CA TRP A 133 2.39 12.66 13.77
C TRP A 133 2.06 11.20 13.99
N ALA A 134 2.73 10.51 14.92
CA ALA A 134 2.39 9.12 15.23
C ALA A 134 1.29 9.06 16.29
N ARG A 135 0.14 9.60 15.92
CA ARG A 135 -1.06 9.51 16.74
C ARG A 135 -2.27 9.49 15.82
N PHE A 136 -3.31 8.78 16.25
CA PHE A 136 -4.55 8.72 15.49
C PHE A 136 -5.69 8.39 16.44
N VAL A 137 -6.90 8.59 15.96
CA VAL A 137 -8.11 8.38 16.74
C VAL A 137 -8.91 7.24 16.13
N LEU A 138 -9.16 6.20 16.92
CA LEU A 138 -9.96 5.05 16.51
C LEU A 138 -11.37 5.20 17.05
N VAL A 139 -12.37 5.05 16.18
CA VAL A 139 -13.77 5.20 16.54
C VAL A 139 -14.47 3.87 16.31
N LEU A 140 -15.11 3.35 17.36
CA LEU A 140 -15.84 2.10 17.31
C LEU A 140 -17.33 2.39 17.42
N PHE A 141 -18.13 1.66 16.65
CA PHE A 141 -19.57 1.83 16.63
C PHE A 141 -20.21 0.52 16.23
N PRO A 142 -21.50 0.33 16.52
CA PRO A 142 -22.14 -0.95 16.22
C PRO A 142 -22.16 -1.24 14.72
N GLU A 143 -22.28 -2.54 14.41
CA GLU A 143 -22.32 -2.98 13.01
C GLU A 143 -23.55 -2.44 12.28
N SER A 144 -24.62 -2.10 13.02
CA SER A 144 -25.79 -1.49 12.41
C SER A 144 -25.45 -0.24 11.60
N PHE A 145 -24.31 0.41 11.92
CA PHE A 145 -23.89 1.66 11.30
C PHE A 145 -24.87 2.78 11.61
N PHE A 152 -21.50 11.76 5.53
CA PHE A 152 -20.88 10.63 6.21
C PHE A 152 -19.73 10.06 5.39
N TRP A 153 -20.06 9.37 4.30
CA TRP A 153 -19.05 8.77 3.44
C TRP A 153 -18.49 9.84 2.51
N LEU A 154 -19.39 10.71 2.03
CA LEU A 154 -19.04 11.97 1.38
C LEU A 154 -18.10 12.80 2.23
N ASN A 155 -18.00 12.45 3.53
CA ASN A 155 -17.03 13.01 4.46
C ASN A 155 -15.74 12.19 4.46
N HIS A 156 -15.36 11.63 3.31
CA HIS A 156 -14.12 10.86 3.16
C HIS A 156 -12.92 11.80 3.18
N GLY A 157 -13.11 12.99 3.76
CA GLY A 157 -12.06 13.98 3.83
C GLY A 157 -11.30 14.04 5.14
N ASP A 158 -11.84 13.45 6.20
CA ASP A 158 -11.22 13.52 7.52
C ASP A 158 -10.54 12.22 7.94
N GLY A 159 -10.69 11.14 7.19
CA GLY A 159 -10.05 9.89 7.53
C GLY A 159 -8.54 9.97 7.43
N ILE A 160 -7.88 8.97 8.02
CA ILE A 160 -6.42 8.90 7.98
C ILE A 160 -5.95 8.79 6.54
N SER A 161 -4.90 9.53 6.21
CA SER A 161 -4.26 9.40 4.91
C SER A 161 -3.70 7.99 4.75
N ASN A 162 -3.59 7.55 3.49
CA ASN A 162 -3.02 6.23 3.22
C ASN A 162 -1.59 6.13 3.74
N ARG A 163 -0.75 7.11 3.39
CA ARG A 163 0.62 7.11 3.88
C ARG A 163 0.70 7.38 5.38
N HIS A 164 -0.28 8.10 5.93
CA HIS A 164 -0.31 8.34 7.37
C HIS A 164 -0.65 7.07 8.13
N ALA A 165 -1.56 6.25 7.57
CA ALA A 165 -1.93 5.01 8.23
C ALA A 165 -0.78 4.01 8.23
N GLU A 166 -0.06 3.91 7.11
CA GLU A 166 1.08 2.99 7.06
C GLU A 166 2.22 3.49 7.95
N PHE A 167 2.30 4.81 8.16
CA PHE A 167 3.26 5.37 9.10
C PHE A 167 2.90 4.98 10.53
N CYS A 168 1.62 5.07 10.88
CA CYS A 168 1.21 4.78 12.26
C CYS A 168 1.13 3.29 12.54
N ASN A 169 0.95 2.47 11.51
CA ASN A 169 1.02 1.02 11.72
C ASN A 169 2.44 0.57 12.00
N ASN A 170 3.42 1.13 11.29
CA ASN A 170 4.82 0.79 11.55
C ASN A 170 5.26 1.17 12.94
N LEU A 171 4.58 2.14 13.57
CA LEU A 171 4.95 2.63 14.90
C LEU A 171 3.94 2.27 15.97
N LEU A 172 3.00 1.36 15.67
CA LEU A 172 1.92 1.09 16.63
C LEU A 172 2.43 0.49 17.93
N ASP A 173 3.49 -0.32 17.87
CA ASP A 173 4.02 -0.93 19.08
C ASP A 173 4.58 0.11 20.06
N PHE A 174 4.91 1.30 19.57
CA PHE A 174 5.42 2.37 20.41
C PHE A 174 4.32 3.30 20.92
N MET A 175 3.07 3.02 20.61
CA MET A 175 1.96 3.91 20.93
C MET A 175 1.07 3.33 22.03
N ASP A 176 0.46 4.22 22.81
CA ASP A 176 -0.44 3.85 23.89
C ASP A 176 -1.85 4.30 23.57
N SER A 177 -2.81 3.70 24.28
CA SER A 177 -4.23 3.95 24.05
C SER A 177 -4.85 4.66 25.25
N ARG A 178 -5.63 5.71 24.96
CA ARG A 178 -6.47 6.36 25.96
C ARG A 178 -7.91 6.42 25.47
N CYS A 179 -8.85 6.30 26.40
CA CYS A 179 -10.26 6.53 26.13
C CYS A 179 -10.84 7.25 27.34
N ASP A 180 -11.60 8.32 27.09
CA ASP A 180 -12.12 9.12 28.21
C ASP A 180 -13.11 8.34 29.06
N GLU A 181 -14.22 7.89 28.46
CA GLU A 181 -15.09 6.96 29.17
C GLU A 181 -14.32 5.65 29.29
N ASP A 182 -13.93 5.30 30.52
CA ASP A 182 -12.87 4.31 30.69
C ASP A 182 -13.42 2.91 30.60
N GLU A 183 -13.35 2.33 29.44
CA GLU A 183 -13.53 0.89 29.37
C GLU A 183 -12.13 0.29 29.44
N PRO A 184 -11.76 -0.40 30.53
CA PRO A 184 -10.34 -0.74 30.75
C PRO A 184 -9.69 -1.48 29.60
N ASP A 185 -10.49 -2.05 28.71
CA ASP A 185 -9.94 -2.70 27.53
C ASP A 185 -9.31 -1.70 26.55
N TYR A 186 -9.63 -0.41 26.68
CA TYR A 186 -9.12 0.61 25.78
C TYR A 186 -7.92 1.36 26.34
N GLN A 187 -7.40 0.95 27.49
CA GLN A 187 -6.23 1.59 28.11
C GLN A 187 -5.06 0.62 28.02
N THR A 188 -4.40 0.65 26.88
CA THR A 188 -3.29 -0.24 26.60
C THR A 188 -2.01 0.56 26.48
N CYS A 189 -0.90 -0.04 26.90
CA CYS A 189 0.42 0.50 26.69
C CYS A 189 1.15 -0.35 25.67
N GLY A 190 1.82 0.31 24.74
CA GLY A 190 2.47 -0.38 23.65
C GLY A 190 3.60 -1.27 24.10
N PRO A 191 3.85 -2.36 23.36
CA PRO A 191 4.94 -3.27 23.76
C PRO A 191 6.30 -2.62 23.77
N ARG A 192 6.54 -1.64 22.89
CA ARG A 192 7.83 -0.96 22.81
C ARG A 192 7.74 0.52 23.16
N SER A 193 6.70 0.93 23.88
CA SER A 193 6.51 2.35 24.18
C SER A 193 7.69 2.88 24.98
N GLY A 194 8.22 4.02 24.57
CA GLY A 194 9.41 4.60 25.15
C GLY A 194 10.70 4.25 24.45
N ASP A 195 10.76 3.07 23.84
CA ASP A 195 11.97 2.68 23.10
C ASP A 195 12.10 3.50 21.82
N LYS A 196 13.32 3.52 21.28
CA LYS A 196 13.60 4.25 20.05
C LYS A 196 13.31 3.37 18.84
N PRO A 197 12.51 3.85 17.88
CA PRO A 197 12.28 3.07 16.66
C PRO A 197 13.57 2.83 15.88
N ALA A 198 13.55 1.75 15.09
CA ALA A 198 14.74 1.35 14.35
C ALA A 198 15.17 2.39 13.33
N GLY A 199 14.27 3.27 12.91
CA GLY A 199 14.62 4.29 11.93
C GLY A 199 13.71 5.48 12.02
N LEU A 200 14.15 6.57 11.40
CA LEU A 200 13.41 7.81 11.33
C LEU A 200 12.74 7.94 9.96
N PRO A 201 11.68 8.74 9.86
CA PRO A 201 11.09 9.00 8.54
C PRO A 201 12.03 9.78 7.65
N THR A 202 11.80 9.66 6.34
CA THR A 202 12.65 10.34 5.38
C THR A 202 12.41 11.84 5.37
N TRP A 203 11.20 12.27 5.73
CA TRP A 203 10.91 13.70 5.79
C TRP A 203 11.33 14.27 7.13
N THR A 204 11.57 15.58 7.13
CA THR A 204 12.03 16.29 8.32
C THR A 204 11.17 17.53 8.54
N ASN A 205 11.12 17.96 9.81
CA ASN A 205 10.44 19.18 10.24
C ASN A 205 9.00 19.24 9.70
N SER A 206 8.25 18.18 10.01
CA SER A 206 6.83 18.06 9.64
C SER A 206 6.60 18.29 8.15
N GLY A 207 7.64 18.14 7.34
CA GLY A 207 7.52 18.43 5.91
C GLY A 207 7.11 19.85 5.62
N LEU A 208 7.53 20.81 6.45
CA LEU A 208 7.13 22.20 6.27
C LEU A 208 7.84 22.90 5.12
N GLU A 209 9.00 22.38 4.69
CA GLU A 209 9.63 22.91 3.49
C GLU A 209 8.85 22.50 2.24
N GLU A 210 8.41 21.25 2.19
CA GLU A 210 7.58 20.78 1.07
C GLU A 210 6.21 21.42 1.09
N LYS A 211 5.66 21.70 2.28
CA LYS A 211 4.38 22.40 2.37
C LYS A 211 4.46 23.81 1.80
N MET A 212 5.62 24.46 1.93
CA MET A 212 5.77 25.81 1.42
C MET A 212 6.01 25.83 -0.09
N VAL A 213 6.60 24.77 -0.64
CA VAL A 213 6.63 24.62 -2.08
C VAL A 213 5.21 24.53 -2.63
N ILE A 214 4.36 23.77 -1.93
CA ILE A 214 2.96 23.63 -2.35
C ILE A 214 2.24 24.97 -2.28
N LYS A 215 2.40 25.70 -1.17
CA LYS A 215 1.68 26.96 -1.00
C LYS A 215 2.15 28.01 -2.00
N SER A 216 3.44 28.05 -2.30
CA SER A 216 3.94 29.02 -3.26
C SER A 216 3.38 28.77 -4.66
N VAL A 217 3.36 27.51 -5.08
CA VAL A 217 2.86 27.17 -6.42
C VAL A 217 1.36 27.45 -6.52
N LEU A 218 0.60 27.05 -5.49
CA LEU A 218 -0.83 27.36 -5.46
C LEU A 218 -1.07 28.87 -5.54
N ALA A 219 -0.27 29.65 -4.80
CA ALA A 219 -0.42 31.10 -4.84
C ALA A 219 0.00 31.68 -6.17
N LYS A 220 0.97 31.06 -6.84
CA LYS A 220 1.53 31.61 -8.07
C LYS A 220 0.69 31.31 -9.30
N CYS A 221 -0.14 30.26 -9.27
CA CYS A 221 -0.97 29.92 -10.41
C CYS A 221 -2.42 30.38 -10.26
N ILE A 222 -2.74 31.11 -9.20
CA ILE A 222 -4.02 31.80 -9.08
C ILE A 222 -3.87 33.31 -9.18
N ARG A 223 -2.64 33.81 -9.31
CA ARG A 223 -2.42 35.23 -9.54
C ARG A 223 -3.17 35.69 -10.79
N SER A 224 -3.97 36.75 -10.62
CA SER A 224 -4.88 37.21 -11.67
C SER A 224 -4.13 38.04 -12.71
N GLU A 225 -4.63 38.00 -13.95
CA GLU A 225 -4.03 38.80 -15.00
C GLU A 225 -4.30 40.29 -14.81
N ASN A 226 -5.29 40.65 -13.99
CA ASN A 226 -5.46 42.03 -13.57
C ASN A 226 -4.22 42.45 -12.80
N ALA A 227 -3.44 43.37 -13.35
CA ALA A 227 -2.29 43.92 -12.64
C ALA A 227 -2.64 44.92 -11.55
N ASP A 228 -3.92 45.20 -11.31
CA ASP A 228 -4.30 46.08 -10.20
C ASP A 228 -4.95 45.31 -9.06
N MET A 229 -4.64 44.03 -8.95
CA MET A 229 -5.18 43.15 -7.92
C MET A 229 -4.02 42.69 -7.05
N LEU A 230 -4.23 42.68 -5.73
CA LEU A 230 -3.17 42.24 -4.83
C LEU A 230 -2.82 40.77 -5.10
N PRO A 231 -1.53 40.43 -5.10
CA PRO A 231 -1.13 39.04 -5.34
C PRO A 231 -1.45 38.15 -4.15
N VAL A 232 -1.53 36.85 -4.44
CA VAL A 232 -1.74 35.83 -3.42
C VAL A 232 -0.38 35.40 -2.86
N GLN A 233 -0.24 35.48 -1.54
CA GLN A 233 0.98 35.08 -0.86
C GLN A 233 0.86 33.65 -0.32
N SER A 234 2.01 33.06 0.00
CA SER A 234 2.03 31.67 0.47
C SER A 234 1.27 31.51 1.78
N ASP A 235 1.26 32.54 2.62
CA ASP A 235 0.58 32.47 3.89
C ASP A 235 -0.91 32.78 3.80
N ASP A 236 -1.39 33.20 2.63
CA ASP A 236 -2.83 33.25 2.38
C ASP A 236 -3.39 31.90 1.99
N VAL A 237 -2.53 30.89 1.84
CA VAL A 237 -2.93 29.55 1.44
C VAL A 237 -2.89 28.65 2.68
N PHE A 238 -3.95 27.88 2.89
CA PHE A 238 -4.04 26.95 4.00
C PHE A 238 -4.15 25.53 3.45
N LEU A 239 -3.31 24.64 3.96
CA LEU A 239 -3.28 23.26 3.49
C LEU A 239 -4.00 22.35 4.47
N TYR A 240 -4.78 21.42 3.93
CA TYR A 240 -5.53 20.45 4.72
C TYR A 240 -5.36 19.08 4.09
N SER A 241 -5.94 18.06 4.73
CA SER A 241 -5.68 16.69 4.30
C SER A 241 -6.43 16.33 3.02
N THR A 242 -7.60 16.92 2.79
CA THR A 242 -8.39 16.66 1.59
C THR A 242 -9.05 17.94 1.11
N GLY A 243 -9.62 17.86 -0.10
CA GLY A 243 -10.43 18.96 -0.59
C GLY A 243 -11.72 19.15 0.18
N MET A 244 -12.28 18.05 0.72
CA MET A 244 -13.50 18.17 1.49
C MET A 244 -13.24 18.77 2.86
N MET A 245 -12.09 18.45 3.46
CA MET A 245 -11.71 19.11 4.71
C MET A 245 -11.53 20.62 4.50
N ALA A 246 -11.00 21.01 3.34
CA ALA A 246 -10.88 22.42 3.02
C ALA A 246 -12.24 23.09 2.94
N ILE A 247 -13.20 22.43 2.28
CA ILE A 247 -14.56 22.96 2.21
C ILE A 247 -15.19 23.01 3.60
N GLY A 248 -14.95 21.98 4.41
CA GLY A 248 -15.50 21.95 5.75
C GLY A 248 -14.95 23.05 6.63
N LYS A 249 -13.66 23.36 6.50
CA LYS A 249 -13.05 24.39 7.34
C LYS A 249 -13.61 25.76 7.05
N ILE A 250 -13.82 26.09 5.77
CA ILE A 250 -14.34 27.42 5.43
C ILE A 250 -15.82 27.52 5.77
N ALA A 251 -16.55 26.40 5.71
CA ALA A 251 -17.95 26.42 6.08
C ALA A 251 -18.11 26.63 7.59
N ARG A 252 -17.29 25.95 8.39
CA ARG A 252 -17.33 26.16 9.84
C ARG A 252 -16.81 27.54 10.22
N ALA A 253 -15.90 28.09 9.42
CA ALA A 253 -15.39 29.43 9.72
C ALA A 253 -16.46 30.49 9.55
N MET A 254 -17.28 30.39 8.49
CA MET A 254 -18.27 31.42 8.25
C MET A 254 -19.45 31.32 9.21
N LYS A 255 -19.67 30.15 9.79
CA LYS A 255 -20.74 29.99 10.76
C LYS A 255 -20.38 30.59 12.12
N ASP A 256 -19.09 30.60 12.46
CA ASP A 256 -18.66 31.00 13.79
C ASP A 256 -18.60 32.51 13.95
N MET A 257 -18.38 33.22 12.86
CA MET A 257 -18.37 34.63 12.92
C MET A 257 -19.78 35.10 13.30
N PRO A 258 -19.92 36.30 13.92
CA PRO A 258 -21.26 36.73 14.34
C PRO A 258 -22.15 37.08 13.16
N GLY A 259 -23.44 37.23 13.46
CA GLY A 259 -24.44 37.55 12.47
C GLY A 259 -25.24 36.32 12.07
N ASP A 260 -26.25 36.57 11.22
CA ASP A 260 -27.04 35.49 10.67
C ASP A 260 -26.15 34.53 9.89
N ASP A 261 -26.68 33.33 9.62
CA ASP A 261 -25.85 32.29 9.06
C ASP A 261 -26.69 31.37 8.17
N THR A 262 -27.09 31.88 7.02
CA THR A 262 -27.80 31.11 6.00
C THR A 262 -26.94 31.08 4.74
N ALA A 263 -26.68 29.87 4.24
CA ALA A 263 -25.75 29.64 3.15
C ALA A 263 -26.47 29.22 1.88
N VAL A 264 -25.89 29.59 0.74
CA VAL A 264 -26.43 29.28 -0.57
C VAL A 264 -25.48 28.32 -1.28
N ILE A 265 -26.01 27.20 -1.75
CA ILE A 265 -25.26 26.22 -2.52
C ILE A 265 -25.75 26.30 -3.96
N PHE A 266 -24.88 26.76 -4.87
CA PHE A 266 -25.28 27.21 -6.19
C PHE A 266 -24.53 26.39 -7.24
N GLY A 267 -25.26 25.52 -7.94
CA GLY A 267 -24.66 24.74 -9.01
C GLY A 267 -23.61 23.75 -8.58
N TRP A 268 -23.84 23.05 -7.47
CA TRP A 268 -22.82 22.17 -6.90
C TRP A 268 -23.53 20.97 -6.29
N LEU A 269 -23.57 19.86 -7.02
CA LEU A 269 -24.03 18.59 -6.49
C LEU A 269 -23.08 17.51 -6.98
N TYR A 270 -23.46 16.24 -6.71
CA TYR A 270 -22.57 15.10 -6.94
C TYR A 270 -21.26 15.22 -6.18
N SER A 271 -21.30 15.97 -5.08
CA SER A 271 -20.17 16.18 -4.20
C SER A 271 -20.66 16.05 -2.77
N GLY A 272 -19.73 16.17 -1.82
CA GLY A 272 -20.10 16.12 -0.42
C GLY A 272 -20.35 17.47 0.21
N THR A 273 -20.53 18.52 -0.59
CA THR A 273 -20.61 19.87 -0.03
C THR A 273 -21.93 20.11 0.69
N LEU A 274 -23.05 19.62 0.14
CA LEU A 274 -24.33 19.81 0.82
C LEU A 274 -24.38 19.12 2.19
N PRO A 275 -24.04 17.83 2.31
CA PRO A 275 -23.98 17.25 3.66
C PRO A 275 -22.97 17.92 4.57
N LEU A 276 -21.80 18.29 4.04
CA LEU A 276 -20.77 18.93 4.86
C LEU A 276 -21.24 20.30 5.36
N VAL A 277 -21.97 21.04 4.52
CA VAL A 277 -22.44 22.36 4.95
C VAL A 277 -23.52 22.20 6.01
N LYS A 278 -24.39 21.19 5.86
CA LYS A 278 -25.41 20.93 6.86
C LYS A 278 -24.78 20.52 8.19
N ASP A 279 -23.80 19.62 8.14
CA ASP A 279 -23.14 19.16 9.36
C ASP A 279 -22.28 20.23 10.02
N SER A 280 -21.87 21.25 9.27
CA SER A 280 -21.04 22.32 9.84
C SER A 280 -21.89 23.34 10.58
N GLY A 281 -23.19 23.12 10.62
CA GLY A 281 -24.13 23.90 11.41
C GLY A 281 -25.16 24.66 10.59
N TYR A 282 -24.99 24.81 9.28
CA TYR A 282 -25.99 25.47 8.45
C TYR A 282 -27.10 24.44 8.34
N SER A 283 -28.18 24.64 9.10
CA SER A 283 -29.07 23.52 9.32
C SER A 283 -29.81 23.13 8.04
N LYS A 284 -30.15 24.08 7.21
CA LYS A 284 -30.46 23.74 5.84
C LYS A 284 -30.36 24.95 4.96
N PRO A 285 -29.48 24.83 3.97
CA PRO A 285 -29.15 25.90 3.02
C PRO A 285 -30.03 25.97 1.77
N ILE A 286 -30.06 27.16 1.18
CA ILE A 286 -30.80 27.39 -0.08
C ILE A 286 -30.05 26.71 -1.22
N LEU A 287 -30.63 25.64 -1.76
CA LEU A 287 -29.98 24.91 -2.85
C LEU A 287 -30.46 25.41 -4.20
N TYR A 288 -29.52 25.70 -5.08
CA TYR A 288 -29.80 26.04 -6.48
C TYR A 288 -29.02 25.02 -7.32
N GLY A 289 -29.76 24.05 -7.87
CA GLY A 289 -29.12 22.88 -8.43
C GLY A 289 -28.32 23.16 -9.70
N ARG A 290 -28.93 23.88 -10.65
CA ARG A 290 -28.36 23.97 -11.99
C ARG A 290 -27.22 24.98 -12.07
N GLY A 291 -27.34 26.11 -11.40
CA GLY A 291 -26.40 27.19 -11.57
C GLY A 291 -26.77 28.14 -12.67
N THR A 292 -28.05 28.22 -13.01
CA THR A 292 -28.50 29.07 -14.11
C THR A 292 -28.69 30.55 -13.77
N GLU A 293 -28.98 31.33 -14.80
CA GLU A 293 -29.22 32.77 -14.65
C GLU A 293 -30.57 32.97 -13.98
N GLU A 294 -31.50 32.08 -14.26
CA GLU A 294 -32.83 32.13 -13.67
C GLU A 294 -32.69 31.87 -12.18
N GLU A 295 -31.85 30.90 -11.84
CA GLU A 295 -31.59 30.56 -10.45
C GLU A 295 -31.09 31.82 -9.76
N LEU A 296 -30.16 32.52 -10.41
CA LEU A 296 -29.63 33.76 -9.86
C LEU A 296 -30.72 34.83 -9.74
N ASP A 297 -31.68 34.83 -10.66
CA ASP A 297 -32.80 35.75 -10.56
C ASP A 297 -33.61 35.49 -9.30
N LYS A 298 -33.85 34.22 -8.97
CA LYS A 298 -34.56 33.88 -7.75
C LYS A 298 -33.77 34.32 -6.52
N LEU A 299 -32.44 34.17 -6.56
CA LEU A 299 -31.60 34.61 -5.46
C LEU A 299 -31.65 36.12 -5.30
N GLU A 300 -31.55 36.86 -6.41
CA GLU A 300 -31.56 38.31 -6.34
C GLU A 300 -32.91 38.84 -5.87
N SER A 301 -34.00 38.26 -6.38
CA SER A 301 -35.33 38.63 -5.91
C SER A 301 -35.46 38.44 -4.42
N TYR A 302 -34.85 37.39 -3.88
CA TYR A 302 -34.93 37.12 -2.44
C TYR A 302 -34.04 38.08 -1.65
N LEU A 303 -32.88 38.43 -2.19
CA LEU A 303 -31.97 39.36 -1.49
C LEU A 303 -32.53 40.78 -1.50
N ALA A 304 -33.07 41.22 -2.63
CA ALA A 304 -33.63 42.56 -2.71
C ALA A 304 -34.80 42.72 -1.76
N ALA A 305 -35.60 41.66 -1.57
CA ALA A 305 -36.71 41.70 -0.63
C ALA A 305 -36.28 41.80 0.82
N GLY A 306 -34.98 41.71 1.10
CA GLY A 306 -34.48 41.71 2.45
C GLY A 306 -34.04 40.37 2.99
N GLY A 307 -33.87 39.37 2.12
CA GLY A 307 -33.41 38.08 2.58
C GLY A 307 -31.95 38.12 3.02
N LYS A 308 -31.63 37.24 3.96
CA LYS A 308 -30.28 37.15 4.50
C LYS A 308 -29.45 36.15 3.70
N CYS A 309 -28.15 36.41 3.62
CA CYS A 309 -27.22 35.47 3.01
C CYS A 309 -25.81 35.86 3.42
N THR A 310 -25.05 34.90 3.95
CA THR A 310 -23.70 35.19 4.44
C THR A 310 -22.59 34.52 3.63
N VAL A 311 -22.85 33.38 3.02
CA VAL A 311 -21.83 32.70 2.22
C VAL A 311 -22.51 31.91 1.11
N LEU A 312 -21.88 31.90 -0.06
CA LEU A 312 -22.35 31.18 -1.23
C LEU A 312 -21.25 30.23 -1.70
N PHE A 313 -21.62 28.98 -1.96
CA PHE A 313 -20.69 27.95 -2.43
C PHE A 313 -21.01 27.59 -3.88
N THR A 314 -19.98 27.60 -4.72
CA THR A 314 -20.11 27.27 -6.13
C THR A 314 -18.77 26.73 -6.64
N GLU A 315 -18.79 26.04 -7.74
CA GLU A 315 -17.60 25.43 -8.25
C GLU A 315 -17.51 25.80 -9.68
N ILE A 316 -16.28 26.16 -10.03
CA ILE A 316 -15.93 26.56 -11.36
C ILE A 316 -15.62 25.30 -12.13
N THR A 317 -16.33 25.14 -13.23
CA THR A 317 -16.24 24.04 -14.22
C THR A 317 -16.97 22.87 -13.57
N SER A 318 -18.24 23.11 -13.28
CA SER A 318 -19.16 22.17 -12.62
C SER A 318 -19.20 20.75 -13.20
N ASN A 319 -19.49 19.78 -12.34
CA ASN A 319 -19.52 18.39 -12.77
C ASN A 319 -20.89 17.78 -12.55
N PRO A 320 -21.28 16.83 -13.42
CA PRO A 320 -20.43 16.35 -14.50
C PRO A 320 -20.76 16.99 -15.85
N GLN A 321 -21.48 18.11 -15.84
CA GLN A 321 -21.96 18.73 -17.08
C GLN A 321 -21.07 19.87 -17.54
N LEU A 322 -19.98 20.16 -16.84
CA LEU A 322 -18.98 21.14 -17.27
C LEU A 322 -19.60 22.52 -17.46
N HIS A 323 -20.58 22.84 -16.62
CA HIS A 323 -21.23 24.14 -16.65
C HIS A 323 -20.36 25.18 -15.95
N SER A 324 -20.49 26.44 -16.39
CA SER A 324 -19.76 27.53 -15.77
C SER A 324 -20.76 28.54 -15.21
N PRO A 325 -20.70 28.85 -13.92
CA PRO A 325 -21.62 29.85 -13.36
C PRO A 325 -21.16 31.27 -13.67
N ASN A 326 -22.08 32.21 -13.49
CA ASN A 326 -21.80 33.62 -13.71
C ASN A 326 -21.10 34.18 -12.47
N LEU A 327 -19.78 34.02 -12.42
CA LEU A 327 -19.02 34.51 -11.27
C LEU A 327 -19.07 36.03 -11.16
N VAL A 328 -19.13 36.73 -12.30
CA VAL A 328 -19.21 38.19 -12.27
C VAL A 328 -20.49 38.65 -11.59
N ARG A 329 -21.64 38.10 -12.04
CA ARG A 329 -22.91 38.48 -11.43
C ARG A 329 -22.98 38.03 -9.97
N ILE A 330 -22.43 36.86 -9.67
CA ILE A 330 -22.36 36.41 -8.28
C ILE A 330 -21.57 37.40 -7.43
N LYS A 331 -20.43 37.86 -7.96
CA LYS A 331 -19.61 38.83 -7.23
C LYS A 331 -20.34 40.17 -7.07
N ASN A 332 -21.10 40.58 -8.10
CA ASN A 332 -21.83 41.83 -8.01
C ASN A 332 -22.94 41.74 -6.96
N LEU A 333 -23.66 40.61 -6.91
CA LEU A 333 -24.66 40.42 -5.87
C LEU A 333 -24.02 40.36 -4.49
N ALA A 334 -22.86 39.70 -4.39
CA ALA A 334 -22.13 39.67 -3.13
C ALA A 334 -21.70 41.07 -2.70
N ASP A 335 -21.42 41.95 -3.66
CA ASP A 335 -20.93 43.28 -3.31
C ASP A 335 -22.03 44.18 -2.75
N GLU A 336 -23.28 43.98 -3.16
CA GLU A 336 -24.33 44.83 -2.61
C GLU A 336 -25.02 44.23 -1.39
N TYR A 337 -25.03 42.91 -1.25
CA TYR A 337 -25.71 42.26 -0.14
C TYR A 337 -24.73 41.61 0.84
N GLY A 338 -23.43 41.80 0.63
CA GLY A 338 -22.42 41.48 1.62
C GLY A 338 -22.32 40.05 2.07
N PHE A 339 -22.25 39.10 1.15
CA PHE A 339 -21.97 37.72 1.50
C PHE A 339 -20.64 37.29 0.88
N THR A 340 -20.14 36.15 1.35
CA THR A 340 -18.84 35.63 0.96
C THR A 340 -19.02 34.56 -0.10
N VAL A 341 -18.16 34.59 -1.12
CA VAL A 341 -18.23 33.66 -2.24
C VAL A 341 -17.09 32.66 -2.09
N VAL A 342 -17.43 31.37 -2.06
CA VAL A 342 -16.46 30.29 -2.03
C VAL A 342 -16.57 29.54 -3.35
N VAL A 343 -15.49 29.53 -4.13
CA VAL A 343 -15.45 28.87 -5.43
C VAL A 343 -14.42 27.75 -5.37
N ASP A 344 -14.83 26.56 -5.79
CA ASP A 344 -13.90 25.44 -5.94
C ASP A 344 -13.42 25.40 -7.38
N ASP A 345 -12.10 25.46 -7.58
CA ASP A 345 -11.50 25.47 -8.91
C ASP A 345 -10.73 24.19 -9.21
N THR A 346 -11.20 23.06 -8.68
CA THR A 346 -10.51 21.80 -8.92
C THR A 346 -10.67 21.35 -10.38
N ILE A 347 -11.89 21.43 -10.91
CA ILE A 347 -12.19 20.91 -12.23
C ILE A 347 -11.68 21.88 -13.28
N GLY A 348 -12.30 23.06 -13.35
CA GLY A 348 -11.70 24.15 -14.10
C GLY A 348 -10.52 24.68 -13.31
N THR A 349 -9.31 24.51 -13.84
CA THR A 349 -8.13 24.74 -13.04
C THR A 349 -7.84 26.23 -12.89
N SER A 350 -6.93 26.55 -11.97
CA SER A 350 -6.39 27.90 -11.90
C SER A 350 -5.34 28.14 -12.98
N VAL A 351 -4.83 27.07 -13.60
CA VAL A 351 -3.98 27.21 -14.76
C VAL A 351 -4.78 27.72 -15.95
N ASN A 352 -6.00 27.21 -16.12
CA ASN A 352 -6.85 27.59 -17.25
C ASN A 352 -7.67 28.83 -16.99
N LEU A 353 -8.09 29.07 -15.75
CA LEU A 353 -9.05 30.11 -15.44
C LEU A 353 -8.45 31.13 -14.47
N ASP A 354 -8.94 32.36 -14.58
CA ASP A 354 -8.61 33.45 -13.66
C ASP A 354 -9.91 33.87 -12.98
N ILE A 355 -10.13 33.33 -11.78
CA ILE A 355 -11.35 33.58 -11.01
C ILE A 355 -11.08 34.36 -9.75
N LEU A 356 -9.82 34.71 -9.48
CA LEU A 356 -9.49 35.48 -8.27
C LEU A 356 -10.28 36.77 -8.10
N PRO A 357 -10.56 37.57 -9.14
CA PRO A 357 -11.33 38.80 -8.91
C PRO A 357 -12.74 38.57 -8.38
N TYR A 358 -13.29 37.37 -8.53
CA TYR A 358 -14.69 37.11 -8.23
C TYR A 358 -14.90 36.19 -7.04
N ALA A 359 -13.83 35.70 -6.42
CA ALA A 359 -13.95 34.79 -5.29
C ALA A 359 -13.28 35.39 -4.06
N ASP A 360 -13.91 35.19 -2.90
CA ASP A 360 -13.29 35.56 -1.63
C ASP A 360 -12.43 34.44 -1.07
N VAL A 361 -12.83 33.19 -1.34
CA VAL A 361 -12.11 32.00 -0.89
C VAL A 361 -12.14 30.99 -2.01
N VAL A 362 -11.00 30.37 -2.32
CA VAL A 362 -10.88 29.35 -3.36
C VAL A 362 -10.46 28.04 -2.72
N THR A 363 -11.24 26.99 -2.97
CA THR A 363 -10.94 25.65 -2.49
C THR A 363 -10.42 24.80 -3.65
N THR A 364 -9.48 23.91 -3.34
CA THR A 364 -8.89 23.05 -4.36
C THR A 364 -8.56 21.70 -3.75
N SER A 365 -9.00 20.64 -4.42
CA SER A 365 -8.58 19.27 -4.07
C SER A 365 -7.22 19.02 -4.71
N LEU A 366 -6.17 18.96 -3.88
CA LEU A 366 -4.84 18.66 -4.38
C LEU A 366 -4.69 17.20 -4.77
N THR A 367 -5.60 16.34 -4.32
CA THR A 367 -5.54 14.92 -4.68
C THR A 367 -5.68 14.71 -6.19
N LYS A 368 -6.33 15.64 -6.88
CA LYS A 368 -6.66 15.44 -8.28
C LYS A 368 -5.54 15.92 -9.21
N ILE A 369 -5.88 16.77 -10.19
CA ILE A 369 -4.91 17.09 -11.23
C ILE A 369 -3.71 17.87 -10.70
N PHE A 370 -3.87 18.58 -9.57
CA PHE A 370 -2.72 19.21 -8.93
C PHE A 370 -1.60 18.22 -8.69
N ASN A 371 -1.95 17.01 -8.25
CA ASN A 371 -0.97 15.94 -8.03
C ASN A 371 -0.81 15.07 -9.28
N GLY A 372 -1.92 14.64 -9.87
CA GLY A 372 -1.88 13.87 -11.10
C GLY A 372 -1.53 12.41 -10.91
N ALA A 373 -0.51 12.17 -10.09
CA ALA A 373 0.00 10.84 -9.83
C ALA A 373 -1.00 9.92 -9.15
N CYS A 374 -2.03 10.48 -8.53
CA CYS A 374 -3.02 9.68 -7.79
C CYS A 374 -2.36 8.74 -6.76
N ASN A 375 -1.46 9.31 -5.96
CA ASN A 375 -0.78 8.59 -4.93
C ASN A 375 -0.56 9.51 -3.76
N ALA A 376 -1.33 10.57 -3.64
CA ALA A 376 -1.16 11.45 -2.50
C ALA A 376 -2.47 12.18 -2.25
N MET A 377 -2.61 12.71 -1.05
CA MET A 377 -3.86 13.32 -0.59
C MET A 377 -3.59 14.71 -0.06
N GLY A 378 -4.44 15.66 -0.45
CA GLY A 378 -4.28 17.02 0.03
C GLY A 378 -5.45 17.90 -0.37
N GLY A 379 -5.62 18.98 0.39
CA GLY A 379 -6.60 19.99 0.07
C GLY A 379 -6.08 21.35 0.44
N SER A 380 -6.52 22.37 -0.30
CA SER A 380 -5.98 23.71 -0.17
C SER A 380 -7.10 24.72 0.02
N LEU A 381 -6.75 25.84 0.66
CA LEU A 381 -7.68 26.92 0.95
C LEU A 381 -6.97 28.24 0.69
N ILE A 382 -7.44 29.00 -0.29
CA ILE A 382 -6.81 30.27 -0.68
C ILE A 382 -7.73 31.41 -0.27
N VAL A 383 -7.26 32.24 0.64
CA VAL A 383 -8.00 33.43 1.07
C VAL A 383 -7.53 34.61 0.23
N ASN A 384 -8.47 35.29 -0.41
CA ASN A 384 -8.14 36.38 -1.31
C ASN A 384 -7.80 37.63 -0.51
N PRO A 385 -6.57 38.16 -0.62
CA PRO A 385 -6.26 39.43 0.07
C PRO A 385 -7.00 40.62 -0.52
N ASN A 386 -7.62 40.47 -1.68
CA ASN A 386 -8.46 41.50 -2.29
C ASN A 386 -9.90 41.45 -1.78
N SER A 387 -10.20 40.55 -0.85
CA SER A 387 -11.57 40.37 -0.38
C SER A 387 -11.89 41.35 0.74
N ARG A 388 -13.13 41.83 0.74
CA ARG A 388 -13.61 42.68 1.83
C ARG A 388 -13.66 41.93 3.14
N HIS A 389 -13.68 40.60 3.10
CA HIS A 389 -13.70 39.77 4.29
C HIS A 389 -12.40 39.01 4.49
N TYR A 390 -11.34 39.39 3.77
CA TYR A 390 -10.05 38.68 3.87
C TYR A 390 -9.60 38.58 5.31
N ARG A 391 -9.57 39.75 5.95
CA ARG A 391 -9.11 39.93 7.33
C ARG A 391 -9.89 39.16 8.37
N ARG A 392 -11.20 39.13 8.25
CA ARG A 392 -12.02 38.33 9.15
C ARG A 392 -11.82 36.85 8.89
N ILE A 393 -11.80 36.45 7.62
CA ILE A 393 -11.70 35.03 7.26
C ILE A 393 -10.31 34.50 7.60
N HIS A 394 -9.26 35.24 7.28
CA HIS A 394 -7.90 34.78 7.56
C HIS A 394 -7.66 34.65 9.06
N THR A 395 -8.17 35.61 9.84
CA THR A 395 -7.97 35.55 11.29
C THR A 395 -8.60 34.31 11.89
N TYR A 396 -9.79 33.93 11.43
CA TYR A 396 -10.42 32.73 11.96
C TYR A 396 -9.68 31.48 11.52
N LEU A 397 -9.33 31.40 10.24
CA LEU A 397 -8.68 30.20 9.72
C LEU A 397 -7.33 29.99 10.40
N GLN A 398 -6.55 31.06 10.58
CA GLN A 398 -5.29 30.94 11.31
C GLN A 398 -5.53 30.76 12.80
N GLY A 399 -6.57 31.37 13.35
CA GLY A 399 -6.89 31.17 14.75
C GLY A 399 -7.12 29.71 15.12
N HIS A 400 -7.79 28.97 14.24
CA HIS A 400 -8.13 27.58 14.50
C HIS A 400 -7.36 26.60 13.61
N PHE A 401 -6.21 27.01 13.09
CA PHE A 401 -5.47 26.18 12.15
C PHE A 401 -4.74 25.06 12.88
N GLU A 402 -4.74 23.88 12.27
CA GLU A 402 -3.98 22.74 12.75
C GLU A 402 -3.41 22.00 11.56
N ASP A 403 -2.10 21.79 11.57
CA ASP A 403 -1.42 21.11 10.46
C ASP A 403 -1.84 19.64 10.46
N LEU A 404 -2.79 19.30 9.59
CA LEU A 404 -3.31 17.95 9.48
C LEU A 404 -2.95 17.29 8.14
N LEU A 405 -2.04 17.88 7.39
CA LEU A 405 -1.56 17.29 6.14
C LEU A 405 -0.31 16.47 6.44
N PHE A 406 -0.43 15.15 6.34
CA PHE A 406 0.68 14.27 6.70
C PHE A 406 1.91 14.59 5.86
N PRO A 407 3.09 14.68 6.47
CA PRO A 407 4.30 15.11 5.72
C PRO A 407 4.61 14.26 4.49
N ALA A 408 4.49 12.93 4.58
CA ALA A 408 4.77 12.10 3.41
C ALA A 408 3.87 12.49 2.24
N ASP A 409 2.59 12.74 2.50
CA ASP A 409 1.70 13.21 1.45
C ASP A 409 2.17 14.55 0.88
N ALA A 410 2.67 15.43 1.74
CA ALA A 410 3.14 16.73 1.28
C ALA A 410 4.40 16.61 0.42
N VAL A 411 5.25 15.61 0.70
CA VAL A 411 6.46 15.42 -0.10
C VAL A 411 6.10 15.11 -1.54
N VAL A 412 5.15 14.19 -1.75
CA VAL A 412 4.77 13.80 -3.10
C VAL A 412 4.07 14.95 -3.82
N LEU A 413 3.15 15.64 -3.12
CA LEU A 413 2.45 16.77 -3.72
C LEU A 413 3.43 17.84 -4.16
N SER A 414 4.42 18.15 -3.33
CA SER A 414 5.38 19.21 -3.65
C SER A 414 6.25 18.85 -4.85
N GLU A 415 6.42 17.55 -5.14
CA GLU A 415 7.20 17.16 -6.30
C GLU A 415 6.35 17.17 -7.58
N ASN A 416 5.14 16.58 -7.51
CA ASN A 416 4.30 16.50 -8.69
C ASN A 416 3.65 17.84 -9.04
N CYS A 417 3.59 18.77 -8.09
CA CYS A 417 3.02 20.09 -8.36
C CYS A 417 3.92 20.94 -9.26
N ILE A 418 5.18 20.57 -9.42
CA ILE A 418 6.12 21.41 -10.16
C ILE A 418 5.70 21.51 -11.63
N ASP A 419 5.18 20.43 -12.20
CA ASP A 419 4.68 20.44 -13.57
C ASP A 419 3.15 20.39 -13.61
N TYR A 420 2.50 20.89 -12.56
CA TYR A 420 1.05 21.00 -12.57
C TYR A 420 0.52 21.90 -13.68
N PRO A 421 1.11 23.07 -13.96
CA PRO A 421 0.64 23.84 -15.14
C PRO A 421 0.84 23.10 -16.45
N GLU A 422 2.01 22.49 -16.65
CA GLU A 422 2.27 21.79 -17.91
C GLU A 422 1.30 20.63 -18.13
N ARG A 423 1.03 19.86 -17.07
CA ARG A 423 0.13 18.71 -17.22
C ARG A 423 -1.31 19.14 -17.46
N VAL A 424 -1.73 20.26 -16.86
CA VAL A 424 -3.07 20.77 -17.11
C VAL A 424 -3.23 21.15 -18.58
N LYS A 425 -2.27 21.91 -19.12
CA LYS A 425 -2.32 22.31 -20.52
C LYS A 425 -2.36 21.10 -21.45
N ARG A 426 -1.61 20.05 -21.12
CA ARG A 426 -1.53 18.89 -22.01
C ARG A 426 -2.87 18.16 -22.09
N CYS A 427 -3.53 17.94 -20.95
CA CYS A 427 -4.76 17.16 -20.99
C CYS A 427 -5.98 18.02 -21.29
N SER A 428 -5.83 19.34 -21.33
CA SER A 428 -6.88 20.19 -21.88
C SER A 428 -6.88 20.17 -23.40
N ALA A 429 -5.69 20.15 -24.01
CA ALA A 429 -5.60 20.05 -25.46
C ALA A 429 -6.19 18.73 -25.95
N THR A 430 -5.79 17.62 -25.31
CA THR A 430 -6.32 16.32 -25.70
C THR A 430 -7.82 16.22 -25.40
N ALA A 431 -8.27 16.80 -24.29
CA ALA A 431 -9.69 16.74 -23.96
C ALA A 431 -10.53 17.51 -24.97
N ARG A 432 -10.03 18.64 -25.47
CA ARG A 432 -10.76 19.37 -26.51
C ARG A 432 -10.86 18.53 -27.77
N ALA A 433 -9.76 17.89 -28.18
CA ALA A 433 -9.78 17.07 -29.38
C ALA A 433 -10.72 15.88 -29.23
N ILE A 434 -10.72 15.25 -28.06
CA ILE A 434 -11.58 14.08 -27.85
C ILE A 434 -13.04 14.49 -27.74
N ALA A 435 -13.31 15.62 -27.09
CA ALA A 435 -14.69 16.10 -27.00
C ALA A 435 -15.27 16.37 -28.37
N HIS A 436 -14.51 17.06 -29.23
CA HIS A 436 -15.00 17.34 -30.58
C HIS A 436 -15.00 16.09 -31.45
N PHE A 437 -14.10 15.15 -31.20
CA PHE A 437 -14.14 13.87 -31.90
C PHE A 437 -15.41 13.10 -31.53
N LEU A 438 -15.76 13.10 -30.24
CA LEU A 438 -16.99 12.43 -29.82
C LEU A 438 -18.23 13.17 -30.31
N ALA A 439 -18.17 14.51 -30.33
CA ALA A 439 -19.33 15.31 -30.73
C ALA A 439 -19.78 14.95 -32.15
N ALA A 440 -18.83 14.64 -33.03
CA ALA A 440 -19.13 14.32 -34.42
C ALA A 440 -19.49 12.85 -34.64
N HIS A 441 -19.75 12.09 -33.58
CA HIS A 441 -20.13 10.71 -33.83
C HIS A 441 -21.65 10.55 -33.78
N PRO A 442 -22.23 9.78 -34.70
CA PRO A 442 -23.69 9.72 -34.78
C PRO A 442 -24.36 9.11 -33.55
N SER A 443 -23.68 8.22 -32.84
CA SER A 443 -24.27 7.58 -31.67
C SER A 443 -24.42 8.53 -30.49
N ILE A 444 -23.78 9.70 -30.52
CA ILE A 444 -23.72 10.60 -29.38
C ILE A 444 -24.71 11.74 -29.60
N ASP A 445 -25.63 11.91 -28.65
CA ASP A 445 -26.54 13.06 -28.68
C ASP A 445 -25.75 14.37 -28.56
N TYR A 446 -25.04 14.55 -27.45
CA TYR A 446 -24.22 15.73 -27.27
C TYR A 446 -23.15 15.43 -26.24
N VAL A 447 -22.12 16.27 -26.22
CA VAL A 447 -20.98 16.13 -25.34
C VAL A 447 -20.88 17.36 -24.46
N ASN A 448 -20.74 17.15 -23.15
CA ASN A 448 -20.58 18.24 -22.20
C ASN A 448 -19.11 18.60 -22.10
N TYR A 449 -18.73 19.74 -22.67
CA TYR A 449 -17.36 20.24 -22.62
C TYR A 449 -17.46 21.75 -22.77
N PRO A 450 -16.59 22.52 -22.10
CA PRO A 450 -16.72 23.98 -22.12
C PRO A 450 -16.81 24.61 -23.51
N THR A 451 -16.23 23.99 -24.53
CA THR A 451 -16.34 24.52 -25.89
C THR A 451 -17.69 24.22 -26.53
N LEU A 452 -18.51 23.36 -25.92
CA LEU A 452 -19.74 22.89 -26.54
C LEU A 452 -21.00 23.15 -25.74
N VAL A 453 -20.89 23.58 -24.48
CA VAL A 453 -22.04 23.70 -23.60
C VAL A 453 -22.61 25.11 -23.73
N PRO A 454 -23.87 25.35 -23.32
CA PRO A 454 -24.43 26.71 -23.44
C PRO A 454 -23.65 27.77 -22.66
N SER A 455 -22.91 27.39 -21.63
CA SER A 455 -22.06 28.32 -20.89
C SER A 455 -20.78 28.66 -21.63
N ARG A 456 -20.63 28.22 -22.90
CA ARG A 456 -19.41 28.43 -23.66
C ARG A 456 -18.86 29.84 -23.47
N GLU A 457 -19.65 30.84 -23.86
CA GLU A 457 -19.18 32.22 -23.77
C GLU A 457 -19.00 32.68 -22.33
N GLU A 458 -19.66 32.02 -21.37
CA GLU A 458 -19.38 32.31 -19.96
C GLU A 458 -17.99 31.82 -19.57
N TYR A 459 -17.59 30.64 -20.05
CA TYR A 459 -16.27 30.12 -19.73
C TYR A 459 -15.16 31.03 -20.23
N GLU A 460 -15.45 31.90 -21.20
CA GLU A 460 -14.42 32.67 -21.87
C GLU A 460 -14.13 33.98 -21.16
N ARG A 461 -15.10 34.52 -20.42
CA ARG A 461 -14.85 35.67 -19.55
C ARG A 461 -13.78 35.38 -18.51
N TYR A 462 -13.49 34.11 -18.21
CA TYR A 462 -12.52 33.75 -17.20
C TYR A 462 -11.32 32.98 -17.74
N ARG A 463 -11.40 32.52 -18.98
CA ARG A 463 -10.28 31.79 -19.56
C ARG A 463 -9.06 32.68 -19.75
N ARG A 464 -7.92 32.22 -19.25
CA ARG A 464 -6.65 32.91 -19.40
C ARG A 464 -6.21 32.74 -20.85
N ASP A 465 -5.43 33.69 -21.37
CA ASP A 465 -5.06 33.62 -22.77
C ASP A 465 -3.93 32.63 -22.97
N GLY A 466 -3.93 31.99 -24.14
CA GLY A 466 -3.04 30.87 -24.40
C GLY A 466 -3.41 29.57 -23.70
N GLU A 467 -4.49 29.53 -22.94
CA GLU A 467 -4.85 28.34 -22.17
C GLU A 467 -6.14 27.71 -22.68
N GLY A 468 -6.37 26.47 -22.27
CA GLY A 468 -7.37 25.61 -22.85
C GLY A 468 -8.65 25.53 -22.04
N TYR A 469 -9.38 24.43 -22.23
CA TYR A 469 -10.77 24.32 -21.80
C TYR A 469 -11.00 23.14 -20.86
N GLY A 470 -9.96 22.69 -20.15
CA GLY A 470 -10.13 21.71 -19.10
C GLY A 470 -9.95 20.28 -19.56
N TYR A 471 -9.90 19.38 -18.57
CA TYR A 471 -9.63 17.97 -18.79
C TYR A 471 -10.85 17.07 -18.60
N LEU A 472 -11.97 17.62 -18.14
CA LEU A 472 -13.16 16.83 -17.85
C LEU A 472 -14.20 17.03 -18.95
N LEU A 473 -14.92 15.94 -19.25
CA LEU A 473 -16.04 15.99 -20.18
C LEU A 473 -16.96 14.82 -19.86
N SER A 474 -18.21 14.95 -20.27
CA SER A 474 -19.17 13.86 -20.14
C SER A 474 -19.91 13.68 -21.45
N ILE A 475 -20.36 12.44 -21.69
CA ILE A 475 -21.00 12.05 -22.93
C ILE A 475 -22.44 11.66 -22.63
N VAL A 476 -23.36 12.15 -23.45
CA VAL A 476 -24.75 11.74 -23.42
C VAL A 476 -25.05 11.11 -24.77
N PHE A 477 -25.17 9.79 -24.80
CA PHE A 477 -25.45 9.06 -26.02
C PHE A 477 -26.93 9.20 -26.39
N ARG A 478 -27.26 8.73 -27.60
CA ARG A 478 -28.65 8.83 -28.05
C ARG A 478 -29.51 7.74 -27.43
N GLU A 479 -28.99 6.53 -27.31
CA GLU A 479 -29.68 5.42 -26.68
C GLU A 479 -28.93 5.01 -25.42
N PRO A 480 -29.61 4.95 -24.27
CA PRO A 480 -28.89 4.61 -23.03
C PRO A 480 -28.19 3.26 -23.05
N ASP A 481 -28.76 2.25 -23.71
CA ASP A 481 -28.15 0.93 -23.70
C ASP A 481 -26.94 0.85 -24.64
N PHE A 482 -26.75 1.87 -25.49
CA PHE A 482 -25.49 2.02 -26.20
C PHE A 482 -24.41 2.56 -25.26
N ALA A 483 -24.78 3.50 -24.40
CA ALA A 483 -23.82 4.03 -23.42
C ALA A 483 -23.25 2.92 -22.54
N VAL A 484 -24.10 1.94 -22.18
CA VAL A 484 -23.65 0.87 -21.30
C VAL A 484 -22.65 -0.03 -22.01
N ARG A 485 -22.98 -0.46 -23.23
CA ARG A 485 -22.05 -1.30 -24.00
C ARG A 485 -20.77 -0.56 -24.33
N PHE A 486 -20.87 0.75 -24.61
CA PHE A 486 -19.68 1.55 -24.86
C PHE A 486 -18.79 1.59 -23.62
N PHE A 487 -19.40 1.86 -22.46
CA PHE A 487 -18.62 1.96 -21.23
C PHE A 487 -17.91 0.66 -20.91
N ASP A 488 -18.56 -0.48 -21.19
CA ASP A 488 -17.95 -1.77 -20.87
C ASP A 488 -16.86 -2.15 -21.87
N ALA A 489 -16.98 -1.72 -23.13
CA ALA A 489 -15.96 -1.99 -24.12
C ALA A 489 -14.79 -1.02 -24.06
N LEU A 490 -14.88 0.03 -23.23
CA LEU A 490 -13.87 1.07 -23.17
C LEU A 490 -12.70 0.60 -22.29
N ASP A 491 -11.56 0.33 -22.91
CA ASP A 491 -10.41 -0.25 -22.20
C ASP A 491 -9.51 0.85 -21.66
N ILE A 492 -10.04 1.58 -20.67
CA ILE A 492 -9.26 2.53 -19.88
C ILE A 492 -9.65 2.33 -18.41
N TRP A 493 -8.94 3.05 -17.54
CA TRP A 493 -9.21 2.96 -16.12
C TRP A 493 -10.65 3.41 -15.83
N LYS A 494 -11.30 2.71 -14.91
CA LYS A 494 -12.63 3.04 -14.47
C LYS A 494 -12.68 3.26 -12.95
N GLY A 495 -13.26 4.37 -12.52
CA GLY A 495 -13.33 4.71 -11.13
C GLY A 495 -13.81 6.13 -10.93
N PRO A 496 -14.01 6.55 -9.67
CA PRO A 496 -14.64 7.85 -9.41
C PRO A 496 -13.72 9.06 -9.40
N SER A 497 -12.40 8.89 -9.38
CA SER A 497 -11.53 10.05 -9.23
C SER A 497 -11.25 10.71 -10.57
N ILE A 498 -10.84 11.96 -10.51
CA ILE A 498 -10.52 12.76 -11.69
C ILE A 498 -9.14 13.37 -11.50
N GLY A 499 -8.66 14.04 -12.55
CA GLY A 499 -7.36 14.65 -12.48
C GLY A 499 -6.19 13.68 -12.44
N THR A 500 -6.40 12.45 -12.89
CA THR A 500 -5.32 11.47 -12.92
C THR A 500 -4.45 11.66 -14.16
N ASN A 501 -3.22 11.15 -14.08
CA ASN A 501 -2.32 11.20 -15.23
C ASN A 501 -2.72 10.20 -16.30
N SER A 502 -3.52 9.20 -15.96
CA SER A 502 -4.12 8.27 -16.92
C SER A 502 -5.62 8.52 -16.97
N SER A 503 -6.21 8.30 -18.14
CA SER A 503 -7.60 8.67 -18.33
C SER A 503 -8.52 7.67 -17.65
N ILE A 504 -9.66 8.17 -17.19
CA ILE A 504 -10.56 7.38 -16.34
C ILE A 504 -11.99 7.77 -16.66
N ALA A 505 -12.88 6.78 -16.65
CA ALA A 505 -14.28 6.97 -16.96
C ALA A 505 -15.15 6.51 -15.80
N LEU A 506 -16.32 7.14 -15.67
CA LEU A 506 -17.28 6.82 -14.62
C LEU A 506 -18.68 6.72 -15.22
N PRO A 507 -19.46 5.68 -14.89
CA PRO A 507 -20.83 5.61 -15.37
C PRO A 507 -21.82 6.23 -14.41
N TYR A 508 -23.11 6.20 -14.73
CA TYR A 508 -24.12 6.72 -13.83
C TYR A 508 -24.43 5.76 -12.68
N SER A 509 -23.99 4.49 -12.77
CA SER A 509 -24.06 3.59 -11.63
C SER A 509 -23.45 4.25 -10.39
N VAL A 510 -22.15 4.54 -10.43
CA VAL A 510 -21.53 5.39 -9.43
C VAL A 510 -21.96 6.82 -9.74
N LEU A 511 -21.60 7.77 -8.87
CA LEU A 511 -21.93 9.18 -9.05
C LEU A 511 -23.42 9.40 -8.79
N ALA A 512 -24.16 8.30 -8.60
CA ALA A 512 -25.56 8.34 -8.22
C ALA A 512 -25.76 8.32 -6.71
N HIS A 513 -24.72 8.01 -5.95
CA HIS A 513 -24.80 7.98 -4.49
C HIS A 513 -25.05 9.37 -3.93
N PRO A 526 -29.15 13.41 -17.32
CA PRO A 526 -29.55 12.11 -17.85
C PRO A 526 -28.91 10.98 -17.06
N LYS A 527 -29.66 9.87 -16.93
CA LYS A 527 -29.23 8.74 -16.13
C LYS A 527 -28.42 7.72 -16.92
N HIS A 528 -27.93 8.09 -18.11
CA HIS A 528 -26.98 7.26 -18.86
C HIS A 528 -25.72 8.04 -19.21
N ILE A 529 -25.48 9.16 -18.52
CA ILE A 529 -24.30 9.97 -18.78
C ILE A 529 -23.03 9.19 -18.46
N VAL A 530 -21.97 9.49 -19.21
CA VAL A 530 -20.66 8.88 -19.04
C VAL A 530 -19.63 9.98 -18.88
N ARG A 531 -19.01 10.07 -17.71
CA ARG A 531 -18.01 11.09 -17.43
C ARG A 531 -16.63 10.57 -17.77
N LEU A 532 -15.79 11.45 -18.31
CA LEU A 532 -14.45 11.07 -18.75
C LEU A 532 -13.44 12.11 -18.28
N SER A 533 -12.49 11.70 -17.46
CA SER A 533 -11.33 12.50 -17.09
C SER A 533 -10.18 12.11 -18.00
N VAL A 534 -9.65 13.07 -18.76
CA VAL A 534 -8.62 12.79 -19.76
C VAL A 534 -7.24 12.99 -19.13
N GLY A 535 -6.37 12.01 -19.32
CA GLY A 535 -5.02 12.01 -18.77
C GLY A 535 -3.98 12.49 -19.75
N LEU A 536 -2.74 12.02 -19.56
CA LEU A 536 -1.59 12.50 -20.30
C LEU A 536 -1.28 11.69 -21.55
N GLU A 537 -2.16 10.75 -21.92
CA GLU A 537 -1.88 9.91 -23.08
C GLU A 537 -2.04 10.71 -24.37
N SER A 538 -1.43 10.19 -25.44
CA SER A 538 -1.51 10.83 -26.74
C SER A 538 -2.97 10.91 -27.20
N GLU A 539 -3.20 11.73 -28.21
CA GLU A 539 -4.50 11.92 -28.81
C GLU A 539 -4.82 10.72 -29.67
N ALA A 540 -3.81 10.17 -30.33
CA ALA A 540 -3.99 8.94 -31.10
C ALA A 540 -4.36 7.77 -30.19
N TRP A 541 -3.75 7.71 -29.00
CA TRP A 541 -4.03 6.62 -28.06
C TRP A 541 -5.49 6.67 -27.59
N LEU A 542 -5.92 7.83 -27.10
CA LEU A 542 -7.28 7.94 -26.60
C LEU A 542 -8.32 7.78 -27.71
N ARG A 543 -8.03 8.31 -28.88
CA ARG A 543 -8.90 8.17 -30.02
C ARG A 543 -9.07 6.71 -30.36
N ASP A 544 -8.01 5.92 -30.24
CA ASP A 544 -8.08 4.50 -30.58
C ASP A 544 -8.95 3.73 -29.59
N ARG A 545 -8.79 3.99 -28.29
CA ARG A 545 -9.58 3.28 -27.28
C ARG A 545 -11.05 3.65 -27.37
N VAL A 546 -11.36 4.90 -27.76
CA VAL A 546 -12.75 5.31 -27.89
C VAL A 546 -13.37 4.71 -29.14
N THR A 547 -12.66 4.78 -30.26
CA THR A 547 -13.16 4.21 -31.51
C THR A 547 -13.46 2.72 -31.35
N GLU A 548 -12.51 1.97 -30.79
CA GLU A 548 -12.69 0.53 -30.63
C GLU A 548 -13.90 0.23 -29.74
N ALA A 549 -14.11 1.04 -28.70
CA ALA A 549 -15.28 0.86 -27.85
C ALA A 549 -16.57 1.15 -28.61
N LEU A 550 -16.58 2.21 -29.42
CA LEU A 550 -17.75 2.51 -30.23
C LEU A 550 -18.05 1.38 -31.21
N ALA A 551 -17.00 0.81 -31.82
CA ALA A 551 -17.17 -0.31 -32.74
C ALA A 551 -17.87 -1.48 -32.07
N LYS A 552 -17.38 -1.90 -30.90
CA LYS A 552 -17.96 -3.06 -30.24
C LYS A 552 -19.35 -2.78 -29.68
N ALA A 553 -19.74 -1.51 -29.57
CA ALA A 553 -21.07 -1.16 -29.08
C ALA A 553 -22.13 -1.19 -30.19
N THR A 554 -21.89 -0.42 -31.27
CA THR A 554 -22.57 -0.56 -32.56
C THR A 554 -22.79 -2.03 -32.93
N PRO A 555 -24.05 -2.47 -33.03
CA PRO A 555 -24.39 -3.75 -33.69
C PRO A 555 -23.77 -3.86 -35.08
N GLY B 66 -13.24 2.97 -5.04
CA GLY B 66 -11.89 2.99 -5.57
C GLY B 66 -11.38 4.40 -5.81
N PHE B 67 -11.56 5.26 -4.82
CA PHE B 67 -11.12 6.65 -4.91
C PHE B 67 -9.60 6.76 -4.80
N CYS B 68 -9.04 7.79 -5.42
CA CYS B 68 -7.60 8.01 -5.39
C CYS B 68 -7.27 8.58 -4.01
N PRO B 69 -6.06 8.34 -3.49
CA PRO B 69 -4.89 7.59 -3.91
C PRO B 69 -5.05 6.10 -3.93
N ILE B 70 -4.72 5.43 -5.03
CA ILE B 70 -4.85 3.98 -5.05
C ILE B 70 -3.55 3.24 -4.72
N VAL B 71 -3.67 2.27 -3.83
CA VAL B 71 -2.56 1.43 -3.43
C VAL B 71 -2.64 0.16 -4.26
N GLY B 72 -1.51 -0.24 -4.84
CA GLY B 72 -1.50 -1.40 -5.71
C GLY B 72 -1.95 -0.90 -7.08
N GLY B 73 -2.50 -1.79 -7.89
CA GLY B 73 -3.00 -1.37 -9.17
C GLY B 73 -1.99 -1.35 -10.29
N LEU B 74 -0.74 -1.75 -10.02
CA LEU B 74 0.24 -1.86 -11.10
C LEU B 74 -0.19 -2.90 -12.11
N THR B 75 -0.77 -4.01 -11.64
CA THR B 75 -1.20 -5.07 -12.55
C THR B 75 -2.44 -4.64 -13.33
N GLU B 76 -3.35 -3.89 -12.70
CA GLU B 76 -4.50 -3.35 -13.41
C GLU B 76 -4.06 -2.31 -14.45
N ALA B 77 -3.10 -1.47 -14.09
CA ALA B 77 -2.63 -0.44 -15.02
C ALA B 77 -1.90 -1.05 -16.21
N ALA B 78 -1.10 -2.08 -15.96
CA ALA B 78 -0.39 -2.75 -17.05
C ALA B 78 -1.37 -3.49 -17.95
N LEU B 79 -2.41 -4.10 -17.37
CA LEU B 79 -3.41 -4.78 -18.18
C LEU B 79 -4.13 -3.82 -19.11
N ILE B 80 -4.35 -2.58 -18.66
CA ILE B 80 -4.98 -1.57 -19.52
C ILE B 80 -4.03 -1.16 -20.64
N ARG B 81 -2.74 -1.02 -20.33
CA ARG B 81 -1.76 -0.62 -21.33
C ARG B 81 -1.71 -1.58 -22.51
N VAL B 82 -2.02 -2.86 -22.28
CA VAL B 82 -1.93 -3.88 -23.31
C VAL B 82 -3.30 -4.30 -23.81
N LYS B 83 -4.34 -3.52 -23.50
CA LYS B 83 -5.70 -3.73 -24.01
C LYS B 83 -6.26 -5.09 -23.60
N ARG B 84 -5.93 -5.54 -22.39
CA ARG B 84 -6.48 -6.78 -21.85
C ARG B 84 -6.88 -6.59 -20.39
N PRO B 85 -7.83 -5.69 -20.12
CA PRO B 85 -8.30 -5.51 -18.74
C PRO B 85 -9.16 -6.67 -18.25
N THR B 86 -9.69 -7.49 -19.16
CA THR B 86 -10.61 -8.56 -18.80
C THR B 86 -10.21 -9.81 -19.55
N GLY B 87 -10.60 -10.97 -19.01
CA GLY B 87 -10.46 -12.23 -19.71
C GLY B 87 -9.16 -12.96 -19.49
N VAL B 88 -8.16 -12.34 -18.85
CA VAL B 88 -6.86 -12.96 -18.65
C VAL B 88 -6.41 -12.77 -17.21
N LYS B 89 -5.52 -13.66 -16.78
CA LYS B 89 -4.84 -13.53 -15.50
C LYS B 89 -3.40 -13.07 -15.72
N ALA B 90 -2.84 -12.42 -14.71
CA ALA B 90 -1.54 -11.79 -14.87
C ALA B 90 -0.67 -12.05 -13.65
N ARG B 91 0.64 -12.10 -13.89
CA ARG B 91 1.66 -12.15 -12.85
C ARG B 91 2.83 -11.31 -13.29
N ILE B 92 3.49 -10.67 -12.33
CA ILE B 92 4.58 -9.76 -12.61
C ILE B 92 5.84 -10.26 -11.90
N PHE B 93 6.91 -10.42 -12.66
CA PHE B 93 8.18 -10.91 -12.15
C PHE B 93 9.30 -9.92 -12.45
N ILE B 94 10.41 -10.08 -11.73
CA ILE B 94 11.62 -9.32 -12.03
C ILE B 94 12.51 -10.07 -13.01
N SER B 95 12.57 -11.40 -12.93
CA SER B 95 13.43 -12.17 -13.81
C SER B 95 12.68 -12.77 -15.00
N ARG B 96 13.38 -12.86 -16.13
CA ARG B 96 12.81 -13.42 -17.34
C ARG B 96 12.73 -14.93 -17.20
N GLU B 97 13.69 -15.50 -16.46
CA GLU B 97 13.73 -16.93 -16.22
C GLU B 97 12.49 -17.36 -15.45
N ALA B 98 12.12 -16.56 -14.46
CA ALA B 98 10.94 -16.84 -13.65
C ALA B 98 9.71 -16.84 -14.55
N ALA B 99 9.59 -15.82 -15.38
CA ALA B 99 8.47 -15.70 -16.30
C ALA B 99 8.39 -16.90 -17.24
N SER B 100 9.54 -17.33 -17.78
CA SER B 100 9.57 -18.49 -18.66
C SER B 100 9.12 -19.76 -17.95
N ARG B 101 9.39 -19.86 -16.65
CA ARG B 101 8.98 -21.05 -15.91
C ARG B 101 7.46 -21.13 -15.77
N LEU B 102 6.82 -20.00 -15.50
CA LEU B 102 5.35 -19.99 -15.45
C LEU B 102 4.76 -20.36 -16.79
N GLU B 103 5.31 -19.83 -17.88
CA GLU B 103 4.80 -20.15 -19.20
C GLU B 103 4.85 -21.65 -19.48
N HIS B 104 5.96 -22.30 -19.12
CA HIS B 104 6.07 -23.75 -19.35
C HIS B 104 5.02 -24.53 -18.55
N THR B 105 4.82 -24.15 -17.28
CA THR B 105 3.87 -24.87 -16.45
C THR B 105 2.46 -24.79 -17.02
N VAL B 106 2.07 -23.64 -17.58
CA VAL B 106 0.75 -23.51 -18.17
C VAL B 106 0.68 -24.25 -19.50
N LYS B 107 1.78 -24.22 -20.27
CA LYS B 107 1.78 -24.85 -21.58
C LYS B 107 1.67 -26.38 -21.48
N VAL B 108 2.17 -26.98 -20.39
CA VAL B 108 2.11 -28.42 -20.25
C VAL B 108 0.81 -28.91 -19.63
N LYS B 109 -0.02 -28.02 -19.09
CA LYS B 109 -1.36 -28.39 -18.63
C LYS B 109 -2.44 -28.10 -19.66
N ASP B 110 -2.19 -27.13 -20.54
CA ASP B 110 -3.06 -26.86 -21.68
C ASP B 110 -2.17 -26.25 -22.74
N PRO B 111 -1.77 -27.03 -23.74
CA PRO B 111 -0.93 -26.46 -24.81
C PRO B 111 -1.61 -25.37 -25.60
N ALA B 112 -2.92 -25.45 -25.82
CA ALA B 112 -3.62 -24.47 -26.62
C ALA B 112 -3.86 -23.14 -25.90
N ALA B 113 -3.29 -22.96 -24.71
CA ALA B 113 -3.44 -21.70 -23.97
C ALA B 113 -2.47 -20.64 -24.48
N LYS B 114 -3.00 -19.45 -24.75
CA LYS B 114 -2.18 -18.32 -25.18
C LYS B 114 -1.47 -17.73 -23.97
N VAL B 115 -0.14 -17.83 -23.94
CA VAL B 115 0.68 -17.28 -22.87
C VAL B 115 1.70 -16.34 -23.49
N SER B 116 1.60 -15.06 -23.16
CA SER B 116 2.52 -14.04 -23.65
C SER B 116 3.32 -13.46 -22.50
N VAL B 117 4.54 -13.02 -22.82
CA VAL B 117 5.48 -12.48 -21.83
C VAL B 117 5.91 -11.11 -22.31
N VAL B 118 5.41 -10.06 -21.66
CA VAL B 118 5.65 -8.68 -22.04
C VAL B 118 6.63 -8.07 -21.04
N GLN B 119 7.71 -7.50 -21.55
CA GLN B 119 8.72 -6.85 -20.73
C GLN B 119 8.48 -5.35 -20.73
N PHE B 120 8.27 -4.78 -19.55
CA PHE B 120 8.17 -3.34 -19.37
C PHE B 120 9.51 -2.80 -18.90
N GLU B 121 9.97 -1.72 -19.52
CA GLU B 121 11.26 -1.14 -19.15
C GLU B 121 11.24 0.38 -19.33
N LEU B 122 11.87 1.07 -18.39
CA LEU B 122 12.24 2.47 -18.55
C LEU B 122 13.64 2.48 -19.17
N ARG B 123 13.72 2.83 -20.45
CA ARG B 123 14.91 2.46 -21.22
C ARG B 123 16.08 3.43 -20.99
N GLN B 124 15.82 4.74 -20.97
CA GLN B 124 16.88 5.75 -20.91
C GLN B 124 16.55 6.81 -19.87
N SER B 125 17.29 6.82 -18.76
CA SER B 125 17.17 7.85 -17.73
C SER B 125 18.56 8.39 -17.39
N ASN B 126 18.61 9.63 -16.93
CA ASN B 126 19.89 10.19 -16.48
C ASN B 126 20.26 9.77 -15.07
N SER B 127 19.32 9.19 -14.33
CA SER B 127 19.63 8.54 -13.07
C SER B 127 19.77 7.05 -13.32
N PRO B 128 20.92 6.43 -13.04
CA PRO B 128 21.03 4.98 -13.24
C PRO B 128 20.07 4.20 -12.36
N ASP B 129 19.72 4.74 -11.20
CA ASP B 129 18.78 4.07 -10.30
C ASP B 129 17.44 3.81 -10.99
N LEU B 130 16.93 4.81 -11.73
CA LEU B 130 15.59 4.67 -12.32
C LEU B 130 15.57 3.58 -13.39
N SER B 131 16.51 3.61 -14.33
CA SER B 131 16.42 2.74 -15.49
C SER B 131 16.80 1.29 -15.20
N ASN B 132 17.48 1.03 -14.08
CA ASN B 132 17.81 -0.34 -13.70
C ASN B 132 16.75 -0.99 -12.82
N TRP B 133 15.90 -0.19 -12.18
CA TRP B 133 14.89 -0.72 -11.26
C TRP B 133 13.47 -0.52 -11.74
N ALA B 134 13.23 0.44 -12.64
CA ALA B 134 11.90 0.61 -13.22
C ALA B 134 11.76 -0.29 -14.45
N ARG B 135 11.74 -1.58 -14.19
CA ARG B 135 11.53 -2.58 -15.20
C ARG B 135 10.91 -3.81 -14.56
N PHE B 136 9.99 -4.45 -15.24
CA PHE B 136 9.32 -5.64 -14.74
C PHE B 136 8.83 -6.47 -15.92
N VAL B 137 8.47 -7.72 -15.63
CA VAL B 137 8.04 -8.67 -16.64
C VAL B 137 6.59 -9.03 -16.34
N LEU B 138 5.71 -8.79 -17.31
CA LEU B 138 4.29 -9.11 -17.19
C LEU B 138 4.00 -10.40 -17.92
N VAL B 139 3.35 -11.34 -17.24
CA VAL B 139 3.01 -12.65 -17.79
C VAL B 139 1.50 -12.80 -17.78
N LEU B 140 0.93 -13.03 -18.97
CA LEU B 140 -0.50 -13.22 -19.12
C LEU B 140 -0.82 -14.65 -19.55
N PHE B 141 -1.89 -15.20 -19.00
CA PHE B 141 -2.34 -16.55 -19.31
C PHE B 141 -3.84 -16.59 -19.10
N PRO B 142 -4.55 -17.54 -19.72
CA PRO B 142 -6.01 -17.56 -19.60
C PRO B 142 -6.47 -17.81 -18.18
N GLU B 143 -7.70 -17.35 -17.91
CA GLU B 143 -8.33 -17.60 -16.62
C GLU B 143 -8.62 -19.07 -16.39
N SER B 144 -8.71 -19.86 -17.47
CA SER B 144 -8.95 -21.30 -17.35
C SER B 144 -7.94 -21.98 -16.43
N PHE B 145 -6.75 -21.42 -16.28
CA PHE B 145 -5.70 -22.08 -15.52
C PHE B 145 -5.95 -21.96 -14.02
N GLU B 146 -6.03 -23.10 -13.35
CA GLU B 146 -6.06 -23.15 -11.89
C GLU B 146 -4.65 -23.41 -11.39
N GLU B 147 -4.14 -22.52 -10.54
CA GLU B 147 -2.76 -22.63 -10.07
C GLU B 147 -2.62 -23.81 -9.13
N ASP B 148 -1.59 -24.62 -9.34
CA ASP B 148 -1.28 -25.72 -8.44
C ASP B 148 -0.29 -25.24 -7.38
N ALA B 149 0.13 -26.18 -6.51
CA ALA B 149 1.08 -25.83 -5.46
C ALA B 149 2.45 -25.48 -6.03
N PHE B 150 2.81 -26.06 -7.18
CA PHE B 150 4.11 -25.78 -7.79
C PHE B 150 4.21 -24.32 -8.19
N THR B 151 3.24 -23.83 -8.96
CA THR B 151 3.28 -22.44 -9.41
C THR B 151 3.06 -21.48 -8.25
N PHE B 152 2.18 -21.85 -7.31
CA PHE B 152 1.92 -20.99 -6.15
C PHE B 152 3.21 -20.61 -5.42
N TRP B 153 4.05 -21.59 -5.13
CA TRP B 153 5.28 -21.30 -4.42
C TRP B 153 6.34 -20.67 -5.33
N LEU B 154 6.52 -21.21 -6.53
CA LEU B 154 7.39 -20.57 -7.52
C LEU B 154 6.97 -19.15 -7.88
N ASN B 155 5.74 -18.74 -7.55
CA ASN B 155 5.33 -17.35 -7.69
C ASN B 155 5.51 -16.56 -6.40
N HIS B 156 5.40 -17.19 -5.23
CA HIS B 156 5.57 -16.49 -3.97
C HIS B 156 7.03 -16.13 -3.72
N GLY B 157 7.97 -16.77 -4.40
CA GLY B 157 9.37 -16.49 -4.21
C GLY B 157 9.93 -15.61 -5.31
N ASP B 158 9.24 -15.58 -6.45
CA ASP B 158 9.71 -14.85 -7.62
C ASP B 158 8.93 -13.58 -7.91
N GLY B 159 7.82 -13.33 -7.20
CA GLY B 159 7.04 -12.14 -7.47
C GLY B 159 7.76 -10.86 -7.10
N ILE B 160 7.30 -9.77 -7.71
CA ILE B 160 7.83 -8.44 -7.41
C ILE B 160 7.45 -8.04 -5.99
N SER B 161 8.40 -7.42 -5.28
CA SER B 161 8.13 -6.90 -3.95
C SER B 161 7.06 -5.81 -3.99
N ASN B 162 6.40 -5.62 -2.85
CA ASN B 162 5.36 -4.60 -2.73
C ASN B 162 5.90 -3.20 -3.02
N ARG B 163 7.00 -2.84 -2.38
CA ARG B 163 7.59 -1.52 -2.61
C ARG B 163 8.15 -1.40 -4.03
N HIS B 164 8.56 -2.52 -4.62
CA HIS B 164 9.02 -2.49 -6.00
C HIS B 164 7.86 -2.28 -6.96
N ALA B 165 6.69 -2.84 -6.63
CA ALA B 165 5.52 -2.67 -7.48
C ALA B 165 5.01 -1.24 -7.48
N GLU B 166 4.96 -0.61 -6.29
CA GLU B 166 4.52 0.78 -6.23
C GLU B 166 5.54 1.74 -6.81
N PHE B 167 6.82 1.35 -6.83
CA PHE B 167 7.84 2.17 -7.48
C PHE B 167 7.62 2.23 -8.98
N CYS B 168 7.34 1.08 -9.61
CA CYS B 168 7.17 1.05 -11.06
C CYS B 168 5.79 1.54 -11.47
N ASN B 169 4.81 1.47 -10.57
CA ASN B 169 3.53 2.09 -10.88
C ASN B 169 3.64 3.60 -10.97
N ASN B 170 4.43 4.21 -10.08
CA ASN B 170 4.66 5.64 -10.14
C ASN B 170 5.36 6.04 -11.43
N LEU B 171 6.11 5.12 -12.04
CA LEU B 171 6.90 5.41 -13.23
C LEU B 171 6.37 4.69 -14.46
N LEU B 172 5.17 4.12 -14.42
CA LEU B 172 4.68 3.32 -15.54
C LEU B 172 4.52 4.15 -16.81
N ASP B 173 4.15 5.42 -16.67
CA ASP B 173 3.99 6.28 -17.85
C ASP B 173 5.30 6.52 -18.58
N PHE B 174 6.44 6.33 -17.91
CA PHE B 174 7.74 6.53 -18.51
C PHE B 174 8.33 5.24 -19.10
N MET B 175 7.59 4.14 -19.07
CA MET B 175 8.09 2.84 -19.49
C MET B 175 7.41 2.40 -20.78
N ASP B 176 8.14 1.62 -21.57
CA ASP B 176 7.64 1.07 -22.82
C ASP B 176 7.53 -0.44 -22.72
N SER B 177 6.75 -1.02 -23.65
CA SER B 177 6.47 -2.44 -23.66
C SER B 177 7.15 -3.09 -24.86
N ARG B 178 7.80 -4.24 -24.63
CA ARG B 178 8.33 -5.07 -25.69
C ARG B 178 7.77 -6.48 -25.57
N CYS B 179 7.56 -7.13 -26.72
CA CYS B 179 7.19 -8.53 -26.77
C CYS B 179 7.90 -9.20 -27.92
N ASP B 180 8.49 -10.36 -27.64
CA ASP B 180 9.25 -11.08 -28.66
C ASP B 180 8.32 -11.59 -29.76
N GLU B 181 7.27 -12.32 -29.38
CA GLU B 181 6.23 -12.72 -30.31
C GLU B 181 5.49 -11.50 -30.86
N ASP B 182 5.11 -11.60 -32.14
CA ASP B 182 4.62 -10.44 -32.89
C ASP B 182 3.14 -10.29 -32.56
N GLU B 183 2.86 -9.57 -31.47
CA GLU B 183 1.53 -9.07 -31.15
C GLU B 183 1.61 -7.56 -30.94
N PRO B 184 1.11 -6.77 -31.89
CA PRO B 184 1.31 -5.30 -31.80
C PRO B 184 0.68 -4.64 -30.58
N ASP B 185 -0.29 -5.29 -29.92
CA ASP B 185 -0.90 -4.69 -28.73
C ASP B 185 0.06 -4.64 -27.55
N TYR B 186 1.14 -5.42 -27.58
CA TYR B 186 2.10 -5.47 -26.50
C TYR B 186 3.34 -4.61 -26.77
N GLN B 187 3.34 -3.86 -27.87
CA GLN B 187 4.45 -2.96 -28.21
C GLN B 187 3.95 -1.54 -28.04
N THR B 188 4.02 -1.05 -26.81
CA THR B 188 3.49 0.25 -26.45
C THR B 188 4.60 1.21 -26.04
N CYS B 189 4.38 2.49 -26.32
CA CYS B 189 5.25 3.56 -25.86
C CYS B 189 4.53 4.33 -24.75
N GLY B 190 5.24 4.61 -23.68
CA GLY B 190 4.63 5.27 -22.54
C GLY B 190 4.19 6.67 -22.87
N PRO B 191 3.13 7.15 -22.22
CA PRO B 191 2.66 8.52 -22.49
C PRO B 191 3.71 9.56 -22.17
N ARG B 192 4.57 9.31 -21.20
CA ARG B 192 5.62 10.25 -20.80
C ARG B 192 7.01 9.69 -21.09
N SER B 193 7.12 8.74 -22.01
CA SER B 193 8.40 8.12 -22.31
C SER B 193 9.38 9.16 -22.84
N GLY B 194 10.59 9.16 -22.28
CA GLY B 194 11.60 10.14 -22.60
C GLY B 194 11.60 11.35 -21.70
N ASP B 195 10.45 11.72 -21.16
CA ASP B 195 10.36 12.86 -20.26
C ASP B 195 11.01 12.54 -18.91
N LYS B 196 11.29 13.61 -18.16
CA LYS B 196 11.93 13.52 -16.85
C LYS B 196 10.89 13.28 -15.77
N PRO B 197 11.08 12.27 -14.92
CA PRO B 197 10.15 12.05 -13.81
C PRO B 197 10.14 13.23 -12.84
N ALA B 198 9.00 13.42 -12.17
CA ALA B 198 8.83 14.54 -11.26
C ALA B 198 9.76 14.47 -10.05
N GLY B 199 10.23 13.28 -9.68
CA GLY B 199 11.08 13.16 -8.52
C GLY B 199 11.92 11.90 -8.57
N LEU B 200 12.94 11.88 -7.72
CA LEU B 200 13.85 10.76 -7.56
C LEU B 200 13.47 9.96 -6.32
N PRO B 201 13.84 8.68 -6.26
CA PRO B 201 13.63 7.93 -5.03
C PRO B 201 14.52 8.45 -3.91
N THR B 202 14.08 8.19 -2.68
CA THR B 202 14.83 8.67 -1.52
C THR B 202 16.12 7.89 -1.32
N TRP B 203 16.18 6.65 -1.79
CA TRP B 203 17.40 5.87 -1.72
C TRP B 203 18.29 6.19 -2.92
N THR B 204 19.59 5.96 -2.76
CA THR B 204 20.58 6.25 -3.78
C THR B 204 21.47 5.04 -4.01
N ASN B 205 22.07 5.00 -5.21
CA ASN B 205 23.04 3.97 -5.61
C ASN B 205 22.51 2.57 -5.32
N SER B 206 21.31 2.29 -5.83
CA SER B 206 20.66 0.97 -5.72
C SER B 206 20.64 0.44 -4.29
N GLY B 207 20.81 1.33 -3.30
CA GLY B 207 20.85 0.91 -1.91
C GLY B 207 21.95 -0.07 -1.57
N LEU B 208 23.10 0.02 -2.23
CA LEU B 208 24.17 -0.93 -1.98
C LEU B 208 24.89 -0.67 -0.67
N GLU B 209 24.80 0.56 -0.14
CA GLU B 209 25.34 0.82 1.20
C GLU B 209 24.47 0.15 2.26
N GLU B 210 23.15 0.19 2.06
CA GLU B 210 22.21 -0.44 2.96
C GLU B 210 22.40 -1.95 2.84
N LYS B 211 22.58 -2.42 1.61
CA LYS B 211 22.78 -3.85 1.37
C LYS B 211 24.04 -4.35 2.08
N MET B 212 25.03 -3.47 2.29
CA MET B 212 26.23 -3.89 2.98
C MET B 212 26.01 -4.01 4.48
N VAL B 213 25.09 -3.22 5.04
CA VAL B 213 24.68 -3.41 6.43
C VAL B 213 24.02 -4.78 6.60
N ILE B 214 23.16 -5.16 5.66
CA ILE B 214 22.49 -6.46 5.75
C ILE B 214 23.51 -7.58 5.70
N LYS B 215 24.45 -7.51 4.75
CA LYS B 215 25.47 -8.55 4.62
C LYS B 215 26.40 -8.54 5.83
N SER B 216 26.69 -7.35 6.37
CA SER B 216 27.54 -7.25 7.56
C SER B 216 26.88 -7.87 8.79
N VAL B 217 25.59 -7.59 8.99
CA VAL B 217 24.90 -8.11 10.17
C VAL B 217 24.74 -9.62 10.08
N LEU B 218 24.34 -10.12 8.91
CA LEU B 218 24.22 -11.57 8.72
C LEU B 218 25.55 -12.27 8.98
N ALA B 219 26.65 -11.69 8.53
CA ALA B 219 27.95 -12.33 8.71
C ALA B 219 28.37 -12.37 10.18
N LYS B 220 27.93 -11.40 10.98
CA LYS B 220 28.45 -11.26 12.33
C LYS B 220 27.77 -12.19 13.31
N CYS B 221 26.51 -12.53 13.05
CA CYS B 221 25.68 -13.35 13.92
C CYS B 221 25.62 -14.78 13.46
N ILE B 222 26.39 -15.14 12.44
CA ILE B 222 26.64 -16.54 12.10
C ILE B 222 28.06 -16.93 12.44
N ARG B 223 28.85 -15.99 12.94
CA ARG B 223 30.23 -16.29 13.32
C ARG B 223 30.22 -17.41 14.35
N SER B 224 30.54 -18.62 13.90
CA SER B 224 30.56 -19.79 14.76
C SER B 224 31.36 -19.59 16.03
N GLU B 225 30.75 -19.90 17.17
CA GLU B 225 31.41 -19.74 18.47
C GLU B 225 32.39 -20.88 18.76
N ASN B 226 33.40 -20.58 19.56
CA ASN B 226 34.42 -21.56 19.96
C ASN B 226 35.03 -22.30 18.78
N ALA B 227 35.27 -23.60 18.98
CA ALA B 227 35.85 -24.46 17.95
C ALA B 227 37.12 -23.87 17.33
N ASP B 228 37.22 -23.96 16.01
CA ASP B 228 38.36 -23.45 15.27
C ASP B 228 38.00 -23.28 13.80
N MET B 229 37.17 -22.29 13.49
CA MET B 229 36.75 -22.03 12.12
C MET B 229 37.07 -20.62 11.66
N LEU B 230 37.00 -20.41 10.35
CA LEU B 230 37.26 -19.14 9.76
C LEU B 230 35.98 -18.38 9.87
N PRO B 231 36.08 -17.08 10.00
CA PRO B 231 34.87 -16.30 10.12
C PRO B 231 34.18 -16.07 8.79
N VAL B 232 32.91 -15.70 8.80
CA VAL B 232 32.16 -15.38 7.60
C VAL B 232 32.28 -13.88 7.35
N GLN B 233 32.72 -13.53 6.15
CA GLN B 233 32.84 -12.14 5.75
C GLN B 233 31.62 -11.73 4.94
N SER B 234 31.44 -10.41 4.81
CA SER B 234 30.26 -9.89 4.13
C SER B 234 30.20 -10.34 2.67
N ASP B 235 31.35 -10.61 2.05
CA ASP B 235 31.36 -11.03 0.66
C ASP B 235 31.00 -12.51 0.49
N ASP B 236 30.89 -13.25 1.60
CA ASP B 236 30.32 -14.59 1.56
C ASP B 236 28.80 -14.59 1.61
N VAL B 237 28.18 -13.42 1.77
CA VAL B 237 26.73 -13.30 1.89
C VAL B 237 26.15 -12.81 0.57
N PHE B 238 25.11 -13.48 0.09
CA PHE B 238 24.43 -13.12 -1.14
C PHE B 238 22.98 -12.79 -0.82
N LEU B 239 22.51 -11.64 -1.30
CA LEU B 239 21.16 -11.17 -1.03
C LEU B 239 20.26 -11.42 -2.23
N TYR B 240 19.02 -11.84 -1.95
CA TYR B 240 18.02 -12.09 -2.99
C TYR B 240 16.71 -11.49 -2.54
N SER B 241 15.70 -11.56 -3.42
CA SER B 241 14.44 -10.86 -3.17
C SER B 241 13.56 -11.58 -2.15
N THR B 242 13.66 -12.91 -2.07
CA THR B 242 12.86 -13.70 -1.14
C THR B 242 13.73 -14.80 -0.55
N GLY B 243 13.22 -15.45 0.49
CA GLY B 243 13.91 -16.60 1.05
C GLY B 243 13.95 -17.78 0.11
N MET B 244 12.91 -17.94 -0.71
CA MET B 244 12.86 -19.04 -1.67
C MET B 244 13.74 -18.79 -2.88
N MET B 245 13.89 -17.53 -3.30
CA MET B 245 14.82 -17.22 -4.37
C MET B 245 16.24 -17.62 -3.99
N ALA B 246 16.60 -17.46 -2.70
CA ALA B 246 17.89 -17.93 -2.24
C ALA B 246 17.99 -19.45 -2.32
N ILE B 247 16.93 -20.15 -1.90
CA ILE B 247 16.93 -21.61 -1.99
C ILE B 247 16.94 -22.06 -3.45
N GLY B 248 16.18 -21.37 -4.31
CA GLY B 248 16.17 -21.73 -5.71
C GLY B 248 17.50 -21.52 -6.39
N LYS B 249 18.20 -20.44 -6.03
CA LYS B 249 19.49 -20.14 -6.67
C LYS B 249 20.54 -21.19 -6.28
N ILE B 250 20.56 -21.62 -5.02
CA ILE B 250 21.56 -22.58 -4.58
C ILE B 250 21.24 -23.98 -5.11
N ALA B 251 19.96 -24.29 -5.33
CA ALA B 251 19.59 -25.58 -5.88
C ALA B 251 20.03 -25.71 -7.34
N ARG B 252 19.82 -24.66 -8.14
CA ARG B 252 20.26 -24.70 -9.53
C ARG B 252 21.78 -24.63 -9.63
N ALA B 253 22.45 -24.02 -8.66
CA ALA B 253 23.91 -23.96 -8.67
C ALA B 253 24.53 -25.33 -8.52
N MET B 254 23.94 -26.18 -7.68
CA MET B 254 24.46 -27.51 -7.40
C MET B 254 24.18 -28.50 -8.54
N LYS B 255 23.31 -28.17 -9.49
CA LYS B 255 23.02 -29.10 -10.57
C LYS B 255 24.23 -29.31 -11.47
N ASP B 256 25.11 -28.31 -11.58
CA ASP B 256 26.27 -28.40 -12.47
C ASP B 256 27.39 -29.13 -11.73
N MET B 257 27.52 -30.43 -12.00
CA MET B 257 28.58 -31.23 -11.42
C MET B 257 28.88 -32.46 -12.27
N ASP B 260 24.50 -37.41 -10.75
CA ASP B 260 24.86 -36.04 -10.42
C ASP B 260 23.62 -35.17 -10.23
N ASP B 261 22.49 -35.80 -9.96
CA ASP B 261 21.23 -35.08 -9.84
C ASP B 261 20.30 -35.80 -8.87
N THR B 262 20.73 -35.94 -7.61
CA THR B 262 19.89 -36.48 -6.56
C THR B 262 19.86 -35.50 -5.40
N ALA B 263 18.68 -35.02 -5.05
CA ALA B 263 18.53 -34.05 -3.97
C ALA B 263 17.71 -34.69 -2.85
N VAL B 264 18.06 -34.36 -1.62
CA VAL B 264 17.35 -34.84 -0.44
C VAL B 264 16.74 -33.65 0.28
N ILE B 265 15.44 -33.69 0.49
CA ILE B 265 14.72 -32.67 1.26
C ILE B 265 14.34 -33.34 2.58
N PHE B 266 14.92 -32.86 3.67
CA PHE B 266 15.00 -33.60 4.92
C PHE B 266 14.30 -32.81 6.02
N GLY B 267 13.15 -33.29 6.47
CA GLY B 267 12.41 -32.63 7.52
C GLY B 267 11.90 -31.28 7.08
N TRP B 268 11.40 -31.17 5.85
CA TRP B 268 11.07 -29.87 5.29
C TRP B 268 9.86 -30.01 4.36
N LEU B 269 8.68 -29.70 4.87
CA LEU B 269 7.49 -29.48 4.05
C LEU B 269 6.77 -28.27 4.64
N TYR B 270 5.57 -27.99 4.15
CA TYR B 270 4.88 -26.71 4.39
C TYR B 270 5.73 -25.55 3.90
N SER B 271 6.58 -25.85 2.91
CA SER B 271 7.47 -24.89 2.28
C SER B 271 7.42 -25.13 0.77
N GLY B 272 8.11 -24.25 0.04
CA GLY B 272 8.23 -24.38 -1.39
C GLY B 272 9.48 -25.07 -1.88
N THR B 273 10.20 -25.78 -1.00
CA THR B 273 11.49 -26.33 -1.40
C THR B 273 11.31 -27.51 -2.35
N LEU B 274 10.29 -28.35 -2.12
CA LEU B 274 10.03 -29.45 -3.03
C LEU B 274 9.71 -28.97 -4.44
N PRO B 275 8.77 -28.05 -4.66
CA PRO B 275 8.61 -27.50 -6.02
C PRO B 275 9.87 -26.80 -6.51
N LEU B 276 10.56 -26.08 -5.61
CA LEU B 276 11.77 -25.39 -6.02
C LEU B 276 12.86 -26.35 -6.46
N VAL B 277 13.02 -27.46 -5.72
CA VAL B 277 14.06 -28.43 -6.07
C VAL B 277 13.67 -29.26 -7.28
N LYS B 278 12.40 -29.67 -7.36
CA LYS B 278 11.96 -30.47 -8.51
C LYS B 278 12.05 -29.67 -9.80
N ASP B 279 11.57 -28.42 -9.78
CA ASP B 279 11.65 -27.57 -10.95
C ASP B 279 13.08 -27.15 -11.28
N SER B 280 14.02 -27.39 -10.37
CA SER B 280 15.43 -26.96 -10.57
C SER B 280 16.19 -28.00 -11.41
N GLY B 281 15.67 -29.24 -11.45
CA GLY B 281 16.32 -30.27 -12.28
C GLY B 281 16.72 -31.52 -11.50
N TYR B 282 16.47 -31.58 -10.19
CA TYR B 282 16.81 -32.83 -9.51
C TYR B 282 15.83 -33.94 -9.88
N SER B 283 16.29 -34.85 -10.75
CA SER B 283 15.48 -35.91 -11.34
C SER B 283 15.22 -37.04 -10.36
N LYS B 284 15.91 -37.10 -9.23
CA LYS B 284 15.68 -38.11 -8.22
C LYS B 284 15.61 -37.43 -6.85
N PRO B 285 14.42 -37.06 -6.42
CA PRO B 285 14.25 -36.46 -5.09
C PRO B 285 13.93 -37.52 -4.04
N ILE B 286 14.36 -37.23 -2.82
CA ILE B 286 14.06 -38.08 -1.66
C ILE B 286 13.49 -37.19 -0.57
N LEU B 287 12.22 -37.36 -0.26
CA LEU B 287 11.56 -36.57 0.77
C LEU B 287 11.60 -37.30 2.11
N TYR B 288 12.04 -36.59 3.14
CA TYR B 288 12.03 -37.09 4.51
C TYR B 288 11.23 -36.10 5.34
N GLY B 289 10.01 -36.49 5.74
CA GLY B 289 9.07 -35.51 6.27
C GLY B 289 9.49 -34.92 7.61
N ARG B 290 9.78 -35.77 8.58
CA ARG B 290 10.00 -35.27 9.94
C ARG B 290 11.45 -34.86 10.19
N GLY B 291 12.41 -35.58 9.61
CA GLY B 291 13.80 -35.38 9.98
C GLY B 291 14.30 -36.29 11.07
N THR B 292 13.74 -37.49 11.20
CA THR B 292 14.09 -38.42 12.26
C THR B 292 15.47 -39.03 12.04
N GLU B 293 16.00 -39.63 13.12
CA GLU B 293 17.18 -40.48 13.00
C GLU B 293 16.92 -41.71 12.14
N GLU B 294 15.67 -42.21 12.14
CA GLU B 294 15.35 -43.37 11.33
C GLU B 294 15.39 -43.05 9.84
N GLU B 295 15.00 -41.83 9.47
CA GLU B 295 15.14 -41.41 8.08
C GLU B 295 16.61 -41.22 7.70
N LEU B 296 17.45 -40.80 8.66
CA LEU B 296 18.88 -40.75 8.40
C LEU B 296 19.46 -42.15 8.17
N ASP B 297 18.90 -43.15 8.85
CA ASP B 297 19.33 -44.53 8.62
C ASP B 297 19.03 -44.97 7.20
N LYS B 298 17.86 -44.60 6.68
CA LYS B 298 17.51 -44.94 5.30
C LYS B 298 18.46 -44.29 4.32
N LEU B 299 18.85 -43.04 4.57
CA LEU B 299 19.81 -42.36 3.69
C LEU B 299 21.17 -43.05 3.72
N GLU B 300 21.65 -43.40 4.91
CA GLU B 300 22.98 -44.00 5.01
C GLU B 300 23.01 -45.38 4.35
N SER B 301 21.96 -46.19 4.55
CA SER B 301 21.87 -47.46 3.86
C SER B 301 21.91 -47.28 2.35
N TYR B 302 21.29 -46.22 1.84
CA TYR B 302 21.28 -45.96 0.40
C TYR B 302 22.64 -45.46 -0.08
N LEU B 303 23.31 -44.63 0.72
CA LEU B 303 24.63 -44.14 0.34
C LEU B 303 25.67 -45.24 0.42
N ALA B 304 25.63 -46.05 1.48
CA ALA B 304 26.57 -47.16 1.60
C ALA B 304 26.39 -48.17 0.47
N ALA B 305 25.14 -48.38 0.03
CA ALA B 305 24.87 -49.28 -1.09
C ALA B 305 25.40 -48.75 -2.42
N GLY B 306 25.89 -47.52 -2.46
CA GLY B 306 26.35 -46.91 -3.69
C GLY B 306 25.42 -45.90 -4.32
N GLY B 307 24.41 -45.44 -3.59
CA GLY B 307 23.51 -44.45 -4.14
C GLY B 307 24.16 -43.09 -4.25
N LYS B 308 23.72 -42.32 -5.23
CA LYS B 308 24.22 -40.97 -5.46
C LYS B 308 23.34 -39.95 -4.73
N CYS B 309 23.98 -38.87 -4.28
CA CYS B 309 23.28 -37.75 -3.66
C CYS B 309 24.21 -36.56 -3.70
N THR B 310 23.72 -35.43 -4.20
CA THR B 310 24.57 -34.25 -4.41
C THR B 310 24.26 -33.09 -3.47
N VAL B 311 23.03 -32.96 -3.00
CA VAL B 311 22.68 -31.86 -2.11
C VAL B 311 21.57 -32.30 -1.16
N LEU B 312 21.65 -31.85 0.08
CA LEU B 312 20.65 -32.14 1.10
C LEU B 312 20.09 -30.82 1.64
N PHE B 313 18.77 -30.73 1.72
CA PHE B 313 18.09 -29.54 2.23
C PHE B 313 17.42 -29.87 3.55
N THR B 314 17.66 -29.04 4.56
CA THR B 314 16.99 -29.17 5.83
C THR B 314 16.85 -27.80 6.47
N GLU B 315 15.90 -27.71 7.40
CA GLU B 315 15.68 -26.52 8.22
C GLU B 315 16.07 -26.86 9.65
N ILE B 316 16.66 -25.90 10.35
CA ILE B 316 17.22 -26.19 11.66
C ILE B 316 16.11 -26.54 12.65
N THR B 317 15.17 -25.64 12.86
CA THR B 317 14.02 -25.91 13.73
C THR B 317 12.82 -26.03 12.82
N SER B 318 12.19 -27.20 12.82
CA SER B 318 11.23 -27.52 11.78
C SER B 318 9.89 -26.83 12.02
N ASN B 319 9.18 -26.59 10.93
CA ASN B 319 7.82 -26.10 10.87
C ASN B 319 6.87 -27.27 10.69
N PRO B 320 5.85 -27.43 11.53
CA PRO B 320 5.54 -26.60 12.70
C PRO B 320 5.81 -27.28 14.05
N GLN B 321 6.58 -28.36 14.06
CA GLN B 321 6.79 -29.15 15.26
C GLN B 321 8.07 -28.81 16.00
N LEU B 322 8.83 -27.83 15.52
CA LEU B 322 10.02 -27.33 16.22
C LEU B 322 11.05 -28.45 16.43
N HIS B 323 11.12 -29.37 15.48
CA HIS B 323 12.10 -30.44 15.53
C HIS B 323 13.46 -29.94 15.05
N SER B 324 14.52 -30.53 15.60
CA SER B 324 15.88 -30.22 15.16
C SER B 324 16.55 -31.51 14.69
N PRO B 325 17.05 -31.56 13.47
CA PRO B 325 17.71 -32.77 12.99
C PRO B 325 19.14 -32.87 13.51
N ASN B 326 19.70 -34.07 13.36
CA ASN B 326 21.08 -34.34 13.80
C ASN B 326 22.02 -33.78 12.74
N LEU B 327 22.33 -32.49 12.87
CA LEU B 327 23.23 -31.84 11.92
C LEU B 327 24.63 -32.43 11.99
N VAL B 328 25.05 -32.88 13.17
CA VAL B 328 26.36 -33.51 13.30
C VAL B 328 26.44 -34.75 12.44
N ARG B 329 25.45 -35.64 12.57
CA ARG B 329 25.43 -36.85 11.75
C ARG B 329 25.22 -36.52 10.28
N ILE B 330 24.37 -35.51 9.99
CA ILE B 330 24.17 -35.08 8.61
C ILE B 330 25.48 -34.58 8.01
N LYS B 331 26.22 -33.77 8.77
CA LYS B 331 27.51 -33.26 8.27
C LYS B 331 28.52 -34.40 8.14
N ASN B 332 28.48 -35.37 9.04
CA ASN B 332 29.39 -36.50 8.96
C ASN B 332 29.13 -37.33 7.71
N LEU B 333 27.86 -37.54 7.37
CA LEU B 333 27.52 -38.23 6.13
C LEU B 333 27.96 -37.42 4.92
N ALA B 334 27.80 -36.10 4.98
CA ALA B 334 28.25 -35.24 3.88
C ALA B 334 29.76 -35.34 3.69
N ASP B 335 30.51 -35.52 4.78
CA ASP B 335 31.96 -35.61 4.69
C ASP B 335 32.41 -36.95 4.12
N GLU B 336 31.61 -38.00 4.31
CA GLU B 336 31.97 -39.33 3.84
C GLU B 336 31.46 -39.63 2.43
N TYR B 337 30.34 -39.03 2.03
CA TYR B 337 29.77 -39.28 0.71
C TYR B 337 29.79 -38.04 -0.18
N GLY B 338 30.40 -36.95 0.28
CA GLY B 338 30.68 -35.79 -0.54
C GLY B 338 29.51 -35.07 -1.16
N PHE B 339 28.49 -34.75 -0.36
CA PHE B 339 27.42 -33.88 -0.81
C PHE B 339 27.41 -32.62 0.06
N THR B 340 26.69 -31.61 -0.42
CA THR B 340 26.63 -30.31 0.23
C THR B 340 25.35 -30.17 1.03
N VAL B 341 25.46 -29.58 2.22
CA VAL B 341 24.33 -29.42 3.13
C VAL B 341 23.86 -27.97 3.10
N VAL B 342 22.58 -27.78 2.82
CA VAL B 342 21.95 -26.46 2.85
C VAL B 342 20.99 -26.44 4.02
N VAL B 343 21.23 -25.53 4.96
CA VAL B 343 20.41 -25.41 6.17
C VAL B 343 19.72 -24.06 6.16
N ASP B 344 18.42 -24.06 6.36
CA ASP B 344 17.65 -22.85 6.55
C ASP B 344 17.51 -22.55 8.04
N ASP B 345 17.95 -21.36 8.46
CA ASP B 345 17.92 -20.97 9.86
C ASP B 345 16.93 -19.84 10.13
N THR B 346 15.81 -19.82 9.40
CA THR B 346 14.82 -18.76 9.59
C THR B 346 14.10 -18.91 10.92
N ILE B 347 13.66 -20.12 11.25
CA ILE B 347 12.85 -20.34 12.44
C ILE B 347 13.77 -20.37 13.66
N GLY B 348 14.62 -21.38 13.75
CA GLY B 348 15.72 -21.35 14.70
C GLY B 348 16.76 -20.36 14.22
N THR B 349 16.93 -19.27 14.95
CA THR B 349 17.70 -18.16 14.41
C THR B 349 19.21 -18.46 14.49
N SER B 350 19.98 -17.63 13.80
CA SER B 350 21.43 -17.64 14.00
C SER B 350 21.83 -16.92 15.26
N VAL B 351 20.93 -16.12 15.83
CA VAL B 351 21.17 -15.51 17.14
C VAL B 351 21.16 -16.57 18.22
N ASN B 352 20.21 -17.51 18.16
CA ASN B 352 20.08 -18.54 19.17
C ASN B 352 20.97 -19.75 18.91
N LEU B 353 21.23 -20.07 17.64
CA LEU B 353 21.89 -21.31 17.28
C LEU B 353 23.19 -21.05 16.54
N ASP B 354 24.12 -21.98 16.70
CA ASP B 354 25.40 -21.98 15.99
C ASP B 354 25.44 -23.25 15.14
N ILE B 355 25.08 -23.13 13.87
CA ILE B 355 25.01 -24.26 12.96
C ILE B 355 26.04 -24.19 11.85
N LEU B 356 26.86 -23.14 11.82
CA LEU B 356 27.87 -22.99 10.78
C LEU B 356 28.81 -24.18 10.60
N PRO B 357 29.29 -24.86 11.65
CA PRO B 357 30.21 -25.99 11.42
C PRO B 357 29.62 -27.13 10.62
N TYR B 358 28.30 -27.24 10.50
CA TYR B 358 27.66 -28.41 9.90
C TYR B 358 27.01 -28.12 8.56
N ALA B 359 27.03 -26.89 8.09
CA ALA B 359 26.40 -26.51 6.84
C ALA B 359 27.43 -25.93 5.89
N ASP B 360 27.30 -26.26 4.60
CA ASP B 360 28.09 -25.63 3.57
C ASP B 360 27.44 -24.34 3.07
N VAL B 361 26.12 -24.25 3.12
CA VAL B 361 25.37 -23.08 2.71
C VAL B 361 24.23 -22.87 3.70
N VAL B 362 24.05 -21.63 4.16
CA VAL B 362 22.97 -21.28 5.08
C VAL B 362 22.06 -20.28 4.37
N THR B 363 20.78 -20.62 4.28
CA THR B 363 19.77 -19.77 3.70
C THR B 363 18.91 -19.16 4.80
N THR B 364 18.46 -17.92 4.57
CA THR B 364 17.66 -17.21 5.57
C THR B 364 16.64 -16.32 4.88
N SER B 365 15.39 -16.43 5.31
CA SER B 365 14.34 -15.50 4.90
C SER B 365 14.45 -14.23 5.73
N LEU B 366 14.91 -13.13 5.12
CA LEU B 366 14.99 -11.86 5.82
C LEU B 366 13.63 -11.24 6.07
N THR B 367 12.59 -11.69 5.36
CA THR B 367 11.25 -11.16 5.54
C THR B 367 10.74 -11.40 6.96
N LYS B 368 11.25 -12.41 7.65
CA LYS B 368 10.69 -12.84 8.94
C LYS B 368 11.28 -12.05 10.10
N ILE B 369 11.78 -12.76 11.13
CA ILE B 369 12.17 -12.08 12.36
C ILE B 369 13.39 -11.18 12.12
N PHE B 370 14.20 -11.48 11.11
CA PHE B 370 15.29 -10.58 10.74
C PHE B 370 14.78 -9.16 10.55
N ASN B 371 13.64 -9.00 9.89
CA ASN B 371 13.01 -7.70 9.71
C ASN B 371 12.01 -7.40 10.82
N GLY B 372 11.14 -8.36 11.13
CA GLY B 372 10.21 -8.22 12.24
C GLY B 372 9.00 -7.36 11.92
N ALA B 373 9.21 -6.25 11.21
CA ALA B 373 8.15 -5.28 10.98
C ALA B 373 7.18 -5.69 9.88
N CYS B 374 7.37 -6.86 9.26
CA CYS B 374 6.48 -7.36 8.23
C CYS B 374 6.14 -6.27 7.20
N ASN B 375 7.19 -5.59 6.71
CA ASN B 375 6.98 -4.52 5.76
C ASN B 375 8.14 -4.40 4.77
N ALA B 376 8.93 -5.47 4.62
CA ALA B 376 10.01 -5.51 3.66
C ALA B 376 10.25 -6.97 3.29
N MET B 377 10.90 -7.18 2.17
CA MET B 377 11.10 -8.51 1.62
C MET B 377 12.57 -8.73 1.30
N GLY B 378 13.09 -9.89 1.67
CA GLY B 378 14.48 -10.19 1.41
C GLY B 378 14.78 -11.65 1.71
N GLY B 379 15.85 -12.13 1.10
CA GLY B 379 16.33 -13.47 1.34
C GLY B 379 17.84 -13.49 1.33
N SER B 380 18.40 -14.43 2.08
CA SER B 380 19.84 -14.47 2.32
C SER B 380 20.42 -15.81 1.95
N LEU B 381 21.70 -15.78 1.54
CA LEU B 381 22.45 -16.98 1.19
C LEU B 381 23.88 -16.79 1.67
N ILE B 382 24.29 -17.57 2.66
CA ILE B 382 25.64 -17.47 3.25
C ILE B 382 26.41 -18.73 2.89
N VAL B 383 27.52 -18.55 2.17
CA VAL B 383 28.39 -19.66 1.80
C VAL B 383 29.47 -19.83 2.88
N ASN B 384 29.59 -21.03 3.42
CA ASN B 384 30.51 -21.29 4.51
C ASN B 384 31.95 -21.35 4.00
N PRO B 385 32.83 -20.46 4.44
CA PRO B 385 34.24 -20.57 4.03
C PRO B 385 34.96 -21.79 4.59
N ASN B 386 34.37 -22.52 5.50
CA ASN B 386 35.04 -23.70 5.99
C ASN B 386 34.58 -24.92 5.21
N SER B 387 33.76 -24.74 4.19
CA SER B 387 33.26 -25.84 3.39
C SER B 387 34.29 -26.25 2.35
N ARG B 388 34.38 -27.56 2.10
CA ARG B 388 35.26 -28.06 1.06
C ARG B 388 34.85 -27.60 -0.33
N HIS B 389 33.62 -27.13 -0.50
CA HIS B 389 33.12 -26.66 -1.77
C HIS B 389 32.92 -25.14 -1.79
N TYR B 390 33.52 -24.43 -0.82
CA TYR B 390 33.35 -22.97 -0.75
C TYR B 390 33.70 -22.30 -2.07
N ARG B 391 34.84 -22.69 -2.67
CA ARG B 391 35.32 -21.97 -3.84
C ARG B 391 34.55 -22.37 -5.09
N ARG B 392 33.94 -23.55 -5.10
CA ARG B 392 33.08 -23.96 -6.20
C ARG B 392 31.75 -23.20 -6.18
N ILE B 393 31.09 -23.18 -5.02
CA ILE B 393 29.76 -22.56 -4.93
C ILE B 393 29.85 -21.03 -5.00
N HIS B 394 30.84 -20.45 -4.33
CA HIS B 394 30.96 -18.99 -4.34
C HIS B 394 31.20 -18.47 -5.75
N THR B 395 32.01 -19.18 -6.53
CA THR B 395 32.30 -18.75 -7.90
C THR B 395 31.03 -18.75 -8.75
N TYR B 396 30.18 -19.76 -8.58
CA TYR B 396 28.96 -19.85 -9.37
C TYR B 396 27.97 -18.75 -9.01
N LEU B 397 27.76 -18.50 -7.72
CA LEU B 397 26.75 -17.54 -7.31
C LEU B 397 27.05 -16.14 -7.84
N GLN B 398 28.30 -15.71 -7.73
CA GLN B 398 28.73 -14.45 -8.35
C GLN B 398 28.96 -14.54 -9.86
N GLY B 399 29.35 -15.68 -10.40
CA GLY B 399 29.36 -15.78 -11.85
C GLY B 399 28.01 -15.42 -12.45
N HIS B 400 26.93 -15.82 -11.75
CA HIS B 400 25.57 -15.62 -12.22
C HIS B 400 24.74 -14.65 -11.35
N PHE B 401 25.38 -13.74 -10.62
CA PHE B 401 24.64 -12.89 -9.69
C PHE B 401 23.87 -11.79 -10.42
N GLU B 402 22.67 -11.50 -9.91
CA GLU B 402 21.86 -10.38 -10.38
C GLU B 402 21.17 -9.76 -9.18
N ASP B 403 21.35 -8.45 -9.00
CA ASP B 403 20.77 -7.73 -7.86
C ASP B 403 19.26 -7.66 -8.04
N LEU B 404 18.54 -8.52 -7.32
CA LEU B 404 17.08 -8.56 -7.38
C LEU B 404 16.42 -8.11 -6.09
N LEU B 405 17.19 -7.53 -5.17
CA LEU B 405 16.65 -6.98 -3.93
C LEU B 405 16.38 -5.49 -4.16
N PHE B 406 15.11 -5.12 -4.18
CA PHE B 406 14.75 -3.74 -4.43
C PHE B 406 15.37 -2.84 -3.36
N PRO B 407 15.98 -1.71 -3.74
CA PRO B 407 16.69 -0.90 -2.74
C PRO B 407 15.84 -0.44 -1.57
N ALA B 408 14.59 -0.02 -1.82
CA ALA B 408 13.73 0.40 -0.72
C ALA B 408 13.55 -0.72 0.29
N ASP B 409 13.36 -1.96 -0.19
CA ASP B 409 13.26 -3.10 0.71
C ASP B 409 14.56 -3.27 1.50
N ALA B 410 15.71 -3.06 0.85
CA ALA B 410 16.98 -3.18 1.54
C ALA B 410 17.15 -2.09 2.59
N VAL B 411 16.60 -0.90 2.34
CA VAL B 411 16.69 0.19 3.31
C VAL B 411 15.97 -0.20 4.60
N VAL B 412 14.76 -0.76 4.48
CA VAL B 412 14.00 -1.13 5.65
C VAL B 412 14.68 -2.28 6.39
N LEU B 413 15.14 -3.29 5.64
CA LEU B 413 15.86 -4.40 6.26
C LEU B 413 17.11 -3.91 6.97
N SER B 414 17.84 -2.98 6.35
CA SER B 414 19.08 -2.49 6.96
C SER B 414 18.81 -1.71 8.25
N GLU B 415 17.60 -1.15 8.40
CA GLU B 415 17.27 -0.44 9.64
C GLU B 415 16.76 -1.40 10.71
N ASN B 416 15.83 -2.29 10.35
CA ASN B 416 15.23 -3.18 11.34
C ASN B 416 16.16 -4.30 11.79
N CYS B 417 17.17 -4.63 10.99
CA CYS B 417 18.11 -5.68 11.36
C CYS B 417 19.06 -5.26 12.49
N ILE B 418 19.15 -3.97 12.79
CA ILE B 418 20.13 -3.51 13.78
C ILE B 418 19.84 -4.10 15.15
N ASP B 419 18.55 -4.25 15.48
CA ASP B 419 18.14 -4.88 16.73
C ASP B 419 17.55 -6.27 16.48
N TYR B 420 17.97 -6.92 15.40
CA TYR B 420 17.53 -8.29 15.15
C TYR B 420 17.99 -9.26 16.25
N PRO B 421 19.24 -9.22 16.73
CA PRO B 421 19.58 -10.08 17.88
C PRO B 421 18.76 -9.76 19.12
N GLU B 422 18.60 -8.47 19.43
CA GLU B 422 17.83 -8.08 20.61
C GLU B 422 16.38 -8.57 20.52
N ARG B 423 15.77 -8.45 19.34
CA ARG B 423 14.38 -8.85 19.19
C ARG B 423 14.22 -10.37 19.27
N VAL B 424 15.20 -11.13 18.78
CA VAL B 424 15.15 -12.58 18.88
C VAL B 424 15.16 -13.01 20.35
N LYS B 425 16.09 -12.45 21.13
CA LYS B 425 16.15 -12.75 22.55
C LYS B 425 14.85 -12.40 23.25
N ARG B 426 14.21 -11.30 22.84
CA ARG B 426 12.97 -10.87 23.48
C ARG B 426 11.84 -11.86 23.24
N CYS B 427 11.66 -12.30 22.00
CA CYS B 427 10.55 -13.18 21.67
C CYS B 427 10.87 -14.65 21.88
N SER B 428 12.14 -14.99 22.14
CA SER B 428 12.46 -16.32 22.62
C SER B 428 12.14 -16.45 24.11
N ALA B 429 12.39 -15.39 24.88
CA ALA B 429 12.05 -15.39 26.29
C ALA B 429 10.54 -15.49 26.49
N THR B 430 9.78 -14.65 25.79
CA THR B 430 8.32 -14.68 25.92
C THR B 430 7.74 -15.99 25.39
N ALA B 431 8.26 -16.50 24.28
CA ALA B 431 7.73 -17.75 23.73
C ALA B 431 8.01 -18.92 24.66
N ARG B 432 9.19 -18.93 25.29
CA ARG B 432 9.51 -19.99 26.24
C ARG B 432 8.56 -19.96 27.43
N ALA B 433 8.31 -18.77 27.99
CA ALA B 433 7.41 -18.66 29.12
C ALA B 433 5.99 -19.08 28.77
N ILE B 434 5.52 -18.70 27.58
CA ILE B 434 4.15 -19.03 27.17
C ILE B 434 4.04 -20.50 26.82
N ALA B 435 5.08 -21.07 26.20
CA ALA B 435 5.06 -22.49 25.87
C ALA B 435 4.91 -23.35 27.11
N HIS B 436 5.66 -23.04 28.16
CA HIS B 436 5.56 -23.81 29.39
C HIS B 436 4.25 -23.54 30.12
N PHE B 437 3.71 -22.33 29.97
CA PHE B 437 2.39 -22.04 30.51
C PHE B 437 1.32 -22.90 29.85
N LEU B 438 1.39 -23.03 28.53
CA LEU B 438 0.43 -23.87 27.82
C LEU B 438 0.63 -25.34 28.13
N ALA B 439 1.90 -25.78 28.24
CA ALA B 439 2.17 -27.19 28.49
C ALA B 439 1.54 -27.67 29.79
N ALA B 440 1.51 -26.82 30.81
CA ALA B 440 0.96 -27.17 32.11
C ALA B 440 -0.54 -26.96 32.21
N HIS B 441 -1.22 -26.75 31.09
CA HIS B 441 -2.67 -26.56 31.15
C HIS B 441 -3.38 -27.85 30.80
N PRO B 442 -4.46 -28.19 31.53
CA PRO B 442 -5.10 -29.49 31.32
C PRO B 442 -5.71 -29.66 29.94
N SER B 443 -6.16 -28.58 29.30
CA SER B 443 -6.76 -28.67 27.98
C SER B 443 -5.75 -29.02 26.89
N ILE B 444 -4.46 -28.94 27.20
CA ILE B 444 -3.40 -29.08 26.20
C ILE B 444 -2.76 -30.45 26.34
N ASP B 445 -2.78 -31.23 25.25
CA ASP B 445 -2.06 -32.50 25.22
C ASP B 445 -0.56 -32.25 25.36
N TYR B 446 0.03 -31.55 24.40
CA TYR B 446 1.45 -31.22 24.46
C TYR B 446 1.71 -30.01 23.58
N VAL B 447 2.86 -29.38 23.79
CA VAL B 447 3.26 -28.17 23.08
C VAL B 447 4.57 -28.47 22.35
N ASN B 448 4.63 -28.10 21.07
CA ASN B 448 5.83 -28.26 20.27
C ASN B 448 6.72 -27.03 20.47
N TYR B 449 7.79 -27.18 21.24
CA TYR B 449 8.76 -26.14 21.50
C TYR B 449 10.07 -26.82 21.86
N PRO B 450 11.21 -26.25 21.47
CA PRO B 450 12.49 -26.95 21.69
C PRO B 450 12.74 -27.43 23.11
N THR B 451 12.17 -26.76 24.13
CA THR B 451 12.35 -27.21 25.50
C THR B 451 11.48 -28.40 25.87
N LEU B 452 10.50 -28.77 25.03
CA LEU B 452 9.51 -29.77 25.41
C LEU B 452 9.44 -30.96 24.46
N VAL B 453 10.10 -30.90 23.31
CA VAL B 453 9.95 -31.94 22.30
C VAL B 453 11.02 -33.02 22.50
N PRO B 454 10.83 -34.24 22.00
CA PRO B 454 11.88 -35.27 22.15
C PRO B 454 13.18 -34.86 21.49
N SER B 455 13.13 -33.97 20.51
CA SER B 455 14.32 -33.44 19.86
C SER B 455 15.07 -32.44 20.72
N ARG B 456 14.63 -32.19 21.96
CA ARG B 456 15.28 -31.18 22.79
C ARG B 456 16.80 -31.29 22.74
N GLU B 457 17.33 -32.43 23.17
CA GLU B 457 18.77 -32.59 23.36
C GLU B 457 19.56 -32.38 22.07
N GLU B 458 18.92 -32.50 20.90
CA GLU B 458 19.61 -32.20 19.64
C GLU B 458 19.90 -30.72 19.49
N TYR B 459 19.01 -29.88 20.02
CA TYR B 459 19.15 -28.40 19.93
C TYR B 459 20.22 -27.93 20.87
N GLU B 460 20.34 -28.57 22.02
CA GLU B 460 21.29 -28.12 23.06
C GLU B 460 22.75 -28.32 22.62
N ARG B 461 23.01 -28.86 21.44
CA ARG B 461 24.37 -28.90 20.98
C ARG B 461 24.68 -27.70 20.13
N TYR B 462 23.74 -27.26 19.29
CA TYR B 462 23.98 -26.14 18.33
C TYR B 462 23.61 -24.82 18.98
N ARG B 463 22.97 -24.89 20.12
CA ARG B 463 22.50 -23.74 20.89
C ARG B 463 23.68 -23.02 21.55
N ARG B 464 23.84 -21.74 21.25
CA ARG B 464 24.78 -20.94 22.04
C ARG B 464 24.23 -20.76 23.44
N ASP B 465 25.12 -20.62 24.41
CA ASP B 465 24.67 -20.50 25.79
C ASP B 465 24.41 -19.03 26.12
N GLY B 466 23.52 -18.81 27.08
CA GLY B 466 22.93 -17.50 27.31
C GLY B 466 21.85 -17.13 26.31
N GLU B 467 21.57 -18.00 25.35
CA GLU B 467 20.56 -17.76 24.32
C GLU B 467 19.42 -18.74 24.49
N GLY B 468 18.29 -18.41 23.86
CA GLY B 468 17.02 -19.05 24.13
C GLY B 468 16.64 -20.12 23.11
N TYR B 469 15.33 -20.37 23.02
CA TYR B 469 14.80 -21.54 22.33
C TYR B 469 13.84 -21.19 21.21
N GLY B 470 13.95 -20.00 20.64
CA GLY B 470 13.18 -19.66 19.45
C GLY B 470 11.86 -18.99 19.78
N TYR B 471 11.22 -18.49 18.73
CA TYR B 471 9.99 -17.72 18.84
C TYR B 471 8.77 -18.47 18.33
N LEU B 472 8.94 -19.64 17.73
CA LEU B 472 7.83 -20.39 17.14
C LEU B 472 7.43 -21.53 18.05
N LEU B 473 6.14 -21.81 18.09
CA LEU B 473 5.60 -22.95 18.83
C LEU B 473 4.26 -23.34 18.21
N SER B 474 3.88 -24.58 18.45
CA SER B 474 2.56 -25.06 18.06
C SER B 474 1.92 -25.79 19.24
N ILE B 475 0.60 -25.77 19.25
CA ILE B 475 -0.19 -26.34 20.35
C ILE B 475 -0.99 -27.50 19.80
N VAL B 476 -0.99 -28.61 20.53
CA VAL B 476 -1.84 -29.76 20.23
C VAL B 476 -2.75 -29.96 21.43
N PHE B 477 -4.02 -29.61 21.28
CA PHE B 477 -4.99 -29.79 22.34
C PHE B 477 -5.43 -31.25 22.41
N ARG B 478 -6.17 -31.57 23.47
CA ARG B 478 -6.63 -32.95 23.65
C ARG B 478 -7.84 -33.24 22.77
N GLU B 479 -8.76 -32.29 22.64
CA GLU B 479 -9.92 -32.44 21.79
C GLU B 479 -9.85 -31.45 20.62
N PRO B 480 -9.95 -31.92 19.38
CA PRO B 480 -9.84 -30.99 18.24
C PRO B 480 -10.86 -29.87 18.26
N ASP B 481 -12.07 -30.13 18.73
CA ASP B 481 -13.09 -29.07 18.71
C ASP B 481 -12.84 -28.03 19.80
N PHE B 482 -11.94 -28.32 20.74
CA PHE B 482 -11.46 -27.29 21.65
C PHE B 482 -10.46 -26.38 20.96
N ALA B 483 -9.58 -26.96 20.13
CA ALA B 483 -8.61 -26.16 19.38
C ALA B 483 -9.30 -25.14 18.48
N VAL B 484 -10.43 -25.51 17.87
CA VAL B 484 -11.12 -24.61 16.97
C VAL B 484 -11.74 -23.46 17.73
N ARG B 485 -12.45 -23.77 18.82
CA ARG B 485 -13.07 -22.72 19.63
C ARG B 485 -12.00 -21.82 20.26
N PHE B 486 -10.87 -22.40 20.66
CA PHE B 486 -9.78 -21.60 21.21
C PHE B 486 -9.20 -20.65 20.16
N PHE B 487 -8.92 -21.17 18.96
CA PHE B 487 -8.29 -20.35 17.93
C PHE B 487 -9.15 -19.17 17.54
N ASP B 488 -10.47 -19.35 17.47
CA ASP B 488 -11.35 -18.27 17.06
C ASP B 488 -11.59 -17.26 18.17
N ALA B 489 -11.52 -17.69 19.43
CA ALA B 489 -11.63 -16.78 20.55
C ALA B 489 -10.33 -16.04 20.84
N LEU B 490 -9.25 -16.40 20.14
CA LEU B 490 -7.92 -15.84 20.41
C LEU B 490 -7.81 -14.49 19.70
N ASP B 491 -7.75 -13.41 20.48
CA ASP B 491 -7.76 -12.05 19.94
C ASP B 491 -6.32 -11.59 19.68
N ILE B 492 -5.68 -12.25 18.72
CA ILE B 492 -4.38 -11.82 18.19
C ILE B 492 -4.42 -11.94 16.68
N TRP B 493 -3.35 -11.49 16.04
CA TRP B 493 -3.24 -11.56 14.59
C TRP B 493 -3.30 -13.01 14.12
N LYS B 494 -3.96 -13.23 12.99
CA LYS B 494 -4.09 -14.55 12.38
C LYS B 494 -3.63 -14.49 10.93
N GLY B 495 -2.74 -15.40 10.55
CA GLY B 495 -2.21 -15.42 9.20
C GLY B 495 -1.04 -16.38 9.08
N PRO B 496 -0.54 -16.56 7.85
CA PRO B 496 0.47 -17.61 7.61
C PRO B 496 1.90 -17.18 7.91
N SER B 497 2.16 -15.90 8.13
CA SER B 497 3.54 -15.46 8.27
C SER B 497 4.04 -15.64 9.69
N ILE B 498 5.36 -15.69 9.83
CA ILE B 498 6.03 -15.84 11.12
C ILE B 498 7.11 -14.77 11.23
N GLY B 499 7.71 -14.70 12.42
CA GLY B 499 8.75 -13.71 12.64
C GLY B 499 8.26 -12.28 12.69
N THR B 500 6.97 -12.07 12.94
CA THR B 500 6.45 -10.72 13.03
C THR B 500 6.69 -10.14 14.41
N ASN B 501 6.68 -8.81 14.49
CA ASN B 501 6.84 -8.13 15.78
C ASN B 501 5.58 -8.22 16.63
N SER B 502 4.44 -8.51 16.02
CA SER B 502 3.21 -8.81 16.75
C SER B 502 2.90 -10.28 16.57
N SER B 503 2.32 -10.89 17.60
CA SER B 503 2.15 -12.33 17.59
C SER B 503 0.99 -12.72 16.69
N ILE B 504 1.12 -13.91 16.09
CA ILE B 504 0.22 -14.34 15.03
C ILE B 504 0.01 -15.85 15.15
N ALA B 505 -1.21 -16.29 14.85
CA ALA B 505 -1.59 -17.68 14.98
C ALA B 505 -2.05 -18.22 13.64
N LEU B 506 -1.85 -19.53 13.44
CA LEU B 506 -2.25 -20.20 12.22
C LEU B 506 -2.95 -21.50 12.56
N PRO B 507 -4.10 -21.79 11.94
CA PRO B 507 -4.76 -23.08 12.16
C PRO B 507 -4.35 -24.10 11.11
N TYR B 508 -4.91 -25.31 11.18
CA TYR B 508 -4.65 -26.30 10.15
C TYR B 508 -5.46 -26.05 8.87
N SER B 509 -6.44 -25.14 8.92
CA SER B 509 -7.07 -24.67 7.68
C SER B 509 -6.02 -24.28 6.66
N VAL B 510 -5.22 -23.27 6.99
CA VAL B 510 -3.99 -22.94 6.26
C VAL B 510 -2.96 -23.99 6.65
N LEU B 511 -1.78 -23.96 6.04
CA LEU B 511 -0.70 -24.87 6.41
C LEU B 511 -0.99 -26.30 5.96
N VAL B 525 1.74 -35.13 12.22
CA VAL B 525 1.14 -33.85 12.56
C VAL B 525 -0.37 -33.95 12.63
N PRO B 526 -0.94 -33.75 13.82
CA PRO B 526 -2.40 -33.78 13.95
C PRO B 526 -3.02 -32.62 13.18
N LYS B 527 -4.23 -32.87 12.67
CA LYS B 527 -4.93 -31.92 11.81
C LYS B 527 -5.72 -30.88 12.59
N HIS B 528 -5.46 -30.73 13.90
CA HIS B 528 -6.02 -29.65 14.69
C HIS B 528 -4.92 -28.82 15.35
N ILE B 529 -3.68 -28.95 14.87
CA ILE B 529 -2.58 -28.20 15.44
C ILE B 529 -2.79 -26.70 15.22
N VAL B 530 -2.31 -25.90 16.17
CA VAL B 530 -2.40 -24.44 16.10
C VAL B 530 -0.99 -23.89 16.29
N ARG B 531 -0.46 -23.24 15.24
CA ARG B 531 0.88 -22.69 15.27
C ARG B 531 0.85 -21.25 15.75
N LEU B 532 1.87 -20.87 16.52
CA LEU B 532 1.93 -19.54 17.14
C LEU B 532 3.31 -18.94 16.96
N SER B 533 3.37 -17.79 16.29
CA SER B 533 4.56 -16.95 16.22
C SER B 533 4.47 -15.88 17.29
N VAL B 534 5.44 -15.86 18.20
CA VAL B 534 5.41 -14.97 19.35
C VAL B 534 6.16 -13.68 19.03
N GLY B 535 5.54 -12.54 19.31
CA GLY B 535 6.09 -11.23 19.04
C GLY B 535 6.74 -10.58 20.23
N LEU B 536 6.77 -9.24 20.22
CA LEU B 536 7.51 -8.46 21.20
C LEU B 536 6.69 -8.05 22.41
N GLU B 537 5.45 -8.55 22.53
CA GLU B 537 4.60 -8.16 23.64
C GLU B 537 5.03 -8.86 24.93
N SER B 538 4.59 -8.28 26.04
CA SER B 538 4.82 -8.81 27.38
C SER B 538 4.22 -10.21 27.55
N GLU B 539 4.67 -10.92 28.58
CA GLU B 539 4.00 -12.16 28.96
C GLU B 539 2.63 -11.86 29.56
N ALA B 540 2.53 -10.78 30.32
CA ALA B 540 1.23 -10.37 30.85
C ALA B 540 0.24 -10.12 29.73
N TRP B 541 0.70 -9.53 28.65
CA TRP B 541 -0.16 -9.31 27.48
C TRP B 541 -0.52 -10.63 26.82
N LEU B 542 0.50 -11.43 26.47
CA LEU B 542 0.24 -12.69 25.76
C LEU B 542 -0.50 -13.68 26.64
N ARG B 543 -0.11 -13.81 27.91
CA ARG B 543 -0.83 -14.69 28.82
C ARG B 543 -2.31 -14.29 28.92
N ASP B 544 -2.58 -12.99 28.90
CA ASP B 544 -3.97 -12.52 29.02
C ASP B 544 -4.79 -12.91 27.81
N ARG B 545 -4.24 -12.72 26.61
CA ARG B 545 -4.98 -13.09 25.40
C ARG B 545 -5.15 -14.61 25.31
N VAL B 546 -4.19 -15.38 25.82
CA VAL B 546 -4.30 -16.83 25.79
C VAL B 546 -5.31 -17.32 26.80
N THR B 547 -5.24 -16.81 28.03
CA THR B 547 -6.18 -17.22 29.08
C THR B 547 -7.62 -16.98 28.66
N GLU B 548 -7.92 -15.77 28.18
CA GLU B 548 -9.30 -15.43 27.80
C GLU B 548 -9.81 -16.35 26.71
N ALA B 549 -8.96 -16.74 25.76
CA ALA B 549 -9.38 -17.68 24.73
C ALA B 549 -9.66 -19.05 25.34
N LEU B 550 -8.82 -19.49 26.28
CA LEU B 550 -9.06 -20.76 26.96
C LEU B 550 -10.38 -20.75 27.72
N ALA B 551 -10.71 -19.63 28.36
CA ALA B 551 -11.98 -19.51 29.09
C ALA B 551 -13.16 -19.75 28.16
N LYS B 552 -13.19 -19.06 27.02
CA LYS B 552 -14.30 -19.16 26.07
C LYS B 552 -14.35 -20.50 25.32
N ALA B 553 -13.28 -21.28 25.45
CA ALA B 553 -13.22 -22.59 24.76
C ALA B 553 -13.78 -23.67 25.68
N THR B 554 -13.88 -23.36 26.96
CA THR B 554 -14.41 -24.34 27.94
C THR B 554 -15.93 -24.42 27.82
#